data_4RIM
# 
_entry.id   4RIM 
# 
_audit_conform.dict_name       mmcif_pdbx.dic 
_audit_conform.dict_version    5.387 
_audit_conform.dict_location   http://mmcif.pdb.org/dictionaries/ascii/mmcif_pdbx.dic 
# 
loop_
_database_2.database_id 
_database_2.database_code 
_database_2.pdbx_database_accession 
_database_2.pdbx_DOI 
PDB   4RIM         pdb_00004rim 10.2210/pdb4rim/pdb 
NDB   NA3216       ?            ?                   
RCSB  RCSB087391   ?            ?                   
WWPDB D_1000087391 ?            ?                   
# 
loop_
_pdbx_audit_revision_history.ordinal 
_pdbx_audit_revision_history.data_content_type 
_pdbx_audit_revision_history.major_revision 
_pdbx_audit_revision_history.minor_revision 
_pdbx_audit_revision_history.revision_date 
1 'Structure model' 1 0 2015-02-11 
2 'Structure model' 1 1 2015-02-25 
3 'Structure model' 1 2 2015-03-04 
4 'Structure model' 1 3 2024-02-28 
# 
_pdbx_audit_revision_details.ordinal             1 
_pdbx_audit_revision_details.revision_ordinal    1 
_pdbx_audit_revision_details.data_content_type   'Structure model' 
_pdbx_audit_revision_details.provider            repository 
_pdbx_audit_revision_details.type                'Initial release' 
_pdbx_audit_revision_details.description         ? 
_pdbx_audit_revision_details.details             ? 
# 
loop_
_pdbx_audit_revision_group.ordinal 
_pdbx_audit_revision_group.revision_ordinal 
_pdbx_audit_revision_group.data_content_type 
_pdbx_audit_revision_group.group 
1 2 'Structure model' 'Derived calculations' 
2 3 'Structure model' 'Database references'  
3 4 'Structure model' 'Data collection'      
4 4 'Structure model' 'Database references'  
# 
loop_
_pdbx_audit_revision_category.ordinal 
_pdbx_audit_revision_category.revision_ordinal 
_pdbx_audit_revision_category.data_content_type 
_pdbx_audit_revision_category.category 
1 4 'Structure model' chem_comp_atom 
2 4 'Structure model' chem_comp_bond 
3 4 'Structure model' database_2     
# 
loop_
_pdbx_audit_revision_item.ordinal 
_pdbx_audit_revision_item.revision_ordinal 
_pdbx_audit_revision_item.data_content_type 
_pdbx_audit_revision_item.item 
1 4 'Structure model' '_database_2.pdbx_DOI'                
2 4 'Structure model' '_database_2.pdbx_database_accession' 
# 
_pdbx_database_status.status_code                     REL 
_pdbx_database_status.entry_id                        4RIM 
_pdbx_database_status.recvd_initial_deposition_date   2014-10-06 
_pdbx_database_status.deposit_site                    RCSB 
_pdbx_database_status.process_site                    RCSB 
_pdbx_database_status.status_code_sf                  REL 
_pdbx_database_status.status_code_mr                  ? 
_pdbx_database_status.SG_entry                        ? 
_pdbx_database_status.status_code_cs                  ? 
_pdbx_database_status.methods_development_category    ? 
_pdbx_database_status.pdb_format_compatible           Y 
_pdbx_database_status.status_code_nmr_data            ? 
# 
_pdbx_database_related.db_name        PDB 
_pdbx_database_related.db_id          4RIP 
_pdbx_database_related.details        . 
_pdbx_database_related.content_type   unspecified 
# 
loop_
_audit_author.name 
_audit_author.pdbx_ordinal 
'Tripathi, S.K.' 1 
'Zhang, D.'      2 
'Paukstelis, P.' 3 
# 
_citation.id                        primary 
_citation.title                     'An intercalation-locked parallel-stranded DNA tetraplex.' 
_citation.journal_abbrev            'Nucleic Acids Res.' 
_citation.journal_volume            43 
_citation.page_first                1937 
_citation.page_last                 1944 
_citation.year                      2015 
_citation.journal_id_ASTM           NARHAD 
_citation.country                   UK 
_citation.journal_id_ISSN           0305-1048 
_citation.journal_id_CSD            0389 
_citation.book_publisher            ? 
_citation.pdbx_database_id_PubMed   25628357 
_citation.pdbx_database_id_DOI      10.1093/nar/gkv033 
# 
loop_
_citation_author.citation_id 
_citation_author.name 
_citation_author.ordinal 
_citation_author.identifier_ORCID 
primary 'Tripathi, S.'     1 ? 
primary 'Zhang, D.'        2 ? 
primary 'Paukstelis, P.J.' 3 ? 
# 
_entity.id                         1 
_entity.type                       polymer 
_entity.src_method                 syn 
_entity.pdbx_description           
;DNA (5'-D(*AP*CP*TP*CP*GP*GP*AP*TP*GP*AP*T)-3')
;
_entity.formula_weight             3373.222 
_entity.pdbx_number_of_molecules   1 
_entity.pdbx_ec                    ? 
_entity.pdbx_mutation              ? 
_entity.pdbx_fragment              ? 
_entity.details                    ? 
# 
_entity_poly.entity_id                      1 
_entity_poly.type                           polydeoxyribonucleotide 
_entity_poly.nstd_linkage                   no 
_entity_poly.nstd_monomer                   no 
_entity_poly.pdbx_seq_one_letter_code       '(DA)(DC)(DT)(DC)(DG)(DG)(DA)(DT)(DG)(DA)(DT)' 
_entity_poly.pdbx_seq_one_letter_code_can   ACTCGGATGAT 
_entity_poly.pdbx_strand_id                 A 
_entity_poly.pdbx_target_identifier         ? 
# 
loop_
_entity_poly_seq.entity_id 
_entity_poly_seq.num 
_entity_poly_seq.mon_id 
_entity_poly_seq.hetero 
1 1  DA n 
1 2  DC n 
1 3  DT n 
1 4  DC n 
1 5  DG n 
1 6  DG n 
1 7  DA n 
1 8  DT n 
1 9  DG n 
1 10 DA n 
1 11 DT n 
# 
_pdbx_entity_src_syn.entity_id              1 
_pdbx_entity_src_syn.pdbx_src_id            1 
_pdbx_entity_src_syn.pdbx_alt_source_flag   sample 
_pdbx_entity_src_syn.pdbx_beg_seq_num       ? 
_pdbx_entity_src_syn.pdbx_end_seq_num       ? 
_pdbx_entity_src_syn.organism_scientific    'synthetic construct' 
_pdbx_entity_src_syn.organism_common_name   ? 
_pdbx_entity_src_syn.ncbi_taxonomy_id       32630 
_pdbx_entity_src_syn.details                ? 
# 
loop_
_chem_comp.id 
_chem_comp.type 
_chem_comp.mon_nstd_flag 
_chem_comp.name 
_chem_comp.pdbx_synonyms 
_chem_comp.formula 
_chem_comp.formula_weight 
DA 'DNA linking' y "2'-DEOXYADENOSINE-5'-MONOPHOSPHATE" ? 'C10 H14 N5 O6 P' 331.222 
DC 'DNA linking' y "2'-DEOXYCYTIDINE-5'-MONOPHOSPHATE"  ? 'C9 H14 N3 O7 P'  307.197 
DG 'DNA linking' y "2'-DEOXYGUANOSINE-5'-MONOPHOSPHATE" ? 'C10 H14 N5 O7 P' 347.221 
DT 'DNA linking' y "THYMIDINE-5'-MONOPHOSPHATE"         ? 'C10 H15 N2 O8 P' 322.208 
# 
loop_
_pdbx_poly_seq_scheme.asym_id 
_pdbx_poly_seq_scheme.entity_id 
_pdbx_poly_seq_scheme.seq_id 
_pdbx_poly_seq_scheme.mon_id 
_pdbx_poly_seq_scheme.ndb_seq_num 
_pdbx_poly_seq_scheme.pdb_seq_num 
_pdbx_poly_seq_scheme.auth_seq_num 
_pdbx_poly_seq_scheme.pdb_mon_id 
_pdbx_poly_seq_scheme.auth_mon_id 
_pdbx_poly_seq_scheme.pdb_strand_id 
_pdbx_poly_seq_scheme.pdb_ins_code 
_pdbx_poly_seq_scheme.hetero 
A 1 1  DA 1  1  1  DA DA A . n 
A 1 2  DC 2  2  2  DC DC A . n 
A 1 3  DT 3  3  3  DT DT A . n 
A 1 4  DC 4  4  4  DC DC A . n 
A 1 5  DG 5  5  5  DG DG A . n 
A 1 6  DG 6  6  6  DG DG A . n 
A 1 7  DA 7  7  7  DA DA A . n 
A 1 8  DT 8  8  8  DT DT A . n 
A 1 9  DG 9  9  9  DG DG A . n 
A 1 10 DA 10 10 10 DA DA A . n 
A 1 11 DT 11 11 11 DT DT A . n 
# 
loop_
_pdbx_unobs_or_zero_occ_atoms.id 
_pdbx_unobs_or_zero_occ_atoms.PDB_model_num 
_pdbx_unobs_or_zero_occ_atoms.polymer_flag 
_pdbx_unobs_or_zero_occ_atoms.occupancy_flag 
_pdbx_unobs_or_zero_occ_atoms.auth_asym_id 
_pdbx_unobs_or_zero_occ_atoms.auth_comp_id 
_pdbx_unobs_or_zero_occ_atoms.auth_seq_id 
_pdbx_unobs_or_zero_occ_atoms.PDB_ins_code 
_pdbx_unobs_or_zero_occ_atoms.auth_atom_id 
_pdbx_unobs_or_zero_occ_atoms.label_alt_id 
_pdbx_unobs_or_zero_occ_atoms.label_asym_id 
_pdbx_unobs_or_zero_occ_atoms.label_comp_id 
_pdbx_unobs_or_zero_occ_atoms.label_seq_id 
_pdbx_unobs_or_zero_occ_atoms.label_atom_id 
1  1 Y 1 A DC 2  ? N1    ? A DC 2  N1    
2  1 Y 1 A DC 2  ? C2    ? A DC 2  C2    
3  1 Y 1 A DC 2  ? O2    ? A DC 2  O2    
4  1 Y 1 A DC 2  ? N3    ? A DC 2  N3    
5  1 Y 1 A DC 2  ? C4    ? A DC 2  C4    
6  1 Y 1 A DC 2  ? N4    ? A DC 2  N4    
7  1 Y 1 A DC 2  ? C5    ? A DC 2  C5    
8  1 Y 1 A DC 2  ? C6    ? A DC 2  C6    
9  1 Y 1 A DT 11 ? "O5'" ? A DT 11 "O5'" 
10 1 Y 1 A DT 11 ? "C5'" ? A DT 11 "C5'" 
11 1 Y 1 A DT 11 ? "C4'" ? A DT 11 "C4'" 
12 1 Y 1 A DT 11 ? "O4'" ? A DT 11 "O4'" 
13 1 Y 1 A DT 11 ? "C3'" ? A DT 11 "C3'" 
14 1 Y 1 A DT 11 ? "O3'" ? A DT 11 "O3'" 
15 1 Y 1 A DT 11 ? "C2'" ? A DT 11 "C2'" 
16 1 Y 1 A DT 11 ? "C1'" ? A DT 11 "C1'" 
17 1 Y 1 A DT 11 ? N1    ? A DT 11 N1    
18 1 Y 1 A DT 11 ? C2    ? A DT 11 C2    
19 1 Y 1 A DT 11 ? O2    ? A DT 11 O2    
20 1 Y 1 A DT 11 ? N3    ? A DT 11 N3    
21 1 Y 1 A DT 11 ? C4    ? A DT 11 C4    
22 1 Y 1 A DT 11 ? O4    ? A DT 11 O4    
23 1 Y 1 A DT 11 ? C5    ? A DT 11 C5    
24 1 Y 1 A DT 11 ? C7    ? A DT 11 C7    
25 1 Y 1 A DT 11 ? C6    ? A DT 11 C6    
# 
loop_
_software.name 
_software.classification 
_software.version 
_software.citation_id 
_software.pdbx_ordinal 
CBF1.3 'data collection' .        ? 1 
PHASER phasing           .        ? 2 
REFMAC refinement        5.8.0085 ? 3 
MOSFLM 'data reduction'  .        ? 4 
SCALA  'data scaling'    .        ? 5 
# 
_cell.entry_id           4RIM 
_cell.length_a           25.310 
_cell.length_b           25.310 
_cell.length_c           167.832 
_cell.angle_alpha        90.00 
_cell.angle_beta         90.00 
_cell.angle_gamma        120.00 
_cell.Z_PDB              12 
_cell.pdbx_unique_axis   ? 
_cell.length_a_esd       ? 
_cell.length_b_esd       ? 
_cell.length_c_esd       ? 
_cell.angle_alpha_esd    ? 
_cell.angle_beta_esd     ? 
_cell.angle_gamma_esd    ? 
# 
_symmetry.entry_id                         4RIM 
_symmetry.space_group_name_H-M             'P 62 2 2' 
_symmetry.pdbx_full_space_group_name_H-M   ? 
_symmetry.cell_setting                     ? 
_symmetry.Int_Tables_number                180 
_symmetry.space_group_name_Hall            ? 
# 
_exptl.entry_id          4RIM 
_exptl.method            'X-RAY DIFFRACTION' 
_exptl.crystals_number   1 
# 
_exptl_crystal.id                    1 
_exptl_crystal.density_meas          ? 
_exptl_crystal.density_Matthews      2.30 
_exptl_crystal.density_percent_sol   46.53 
_exptl_crystal.description           ? 
_exptl_crystal.F_000                 ? 
_exptl_crystal.preparation           ? 
# 
_exptl_crystal_grow.crystal_id      1 
_exptl_crystal_grow.method          'VAPOR DIFFUSION, SITTING DROP' 
_exptl_crystal_grow.temp            300 
_exptl_crystal_grow.temp_details    ? 
_exptl_crystal_grow.pH              5.5 
_exptl_crystal_grow.pdbx_details    '100 mM BaCl2, 20% MPD, 30 mM NaCaco pH 5.5, VAPOR DIFFUSION, SITTING DROP, temperature 300K' 
_exptl_crystal_grow.pdbx_pH_range   ? 
# 
_diffrn.id                     1 
_diffrn.ambient_temp           100 
_diffrn.ambient_temp_details   ? 
_diffrn.crystal_id             1 
# 
_diffrn_detector.diffrn_id              1 
_diffrn_detector.detector               PIXEL 
_diffrn_detector.type                   'PSI PILATUS 6M' 
_diffrn_detector.pdbx_collection_date   2014-06-30 
_diffrn_detector.details                mirror 
# 
_diffrn_radiation.diffrn_id                        1 
_diffrn_radiation.wavelength_id                    1 
_diffrn_radiation.pdbx_monochromatic_or_laue_m_l   M 
_diffrn_radiation.monochromator                    ? 
_diffrn_radiation.pdbx_diffrn_protocol             'SINGLE WAVELENGTH' 
_diffrn_radiation.pdbx_scattering_type             x-ray 
# 
_diffrn_radiation_wavelength.id           1 
_diffrn_radiation_wavelength.wavelength   0.9792 
_diffrn_radiation_wavelength.wt           1.0 
# 
_diffrn_source.diffrn_id                   1 
_diffrn_source.source                      SYNCHROTRON 
_diffrn_source.type                        'APS BEAMLINE 24-ID-E' 
_diffrn_source.pdbx_synchrotron_site       APS 
_diffrn_source.pdbx_synchrotron_beamline   24-ID-E 
_diffrn_source.pdbx_wavelength             ? 
_diffrn_source.pdbx_wavelength_list        0.9792 
# 
_reflns.entry_id                     4RIM 
_reflns.observed_criterion_sigma_I   3.0 
_reflns.observed_criterion_sigma_F   2.0 
_reflns.d_resolution_low             55.94 
_reflns.d_resolution_high            2.30 
_reflns.number_obs                   1595 
_reflns.percent_possible_obs         99 
_reflns.pdbx_Rmerge_I_obs            0.076 
_reflns.pdbx_Rsym_value              0.076 
_reflns.pdbx_netI_over_sigmaI        2.2 
_reflns.B_iso_Wilson_estimate        40 
_reflns.pdbx_redundancy              7.7 
_reflns.R_free_details               ? 
_reflns.limit_h_max                  ? 
_reflns.limit_h_min                  ? 
_reflns.limit_k_max                  ? 
_reflns.limit_k_min                  ? 
_reflns.limit_l_max                  ? 
_reflns.limit_l_min                  ? 
_reflns.observed_criterion_F_max     ? 
_reflns.observed_criterion_F_min     ? 
_reflns.pdbx_chi_squared             ? 
_reflns.pdbx_scaling_rejects         ? 
_reflns.number_all                   ? 
_reflns.pdbx_ordinal                 1 
_reflns.pdbx_diffrn_id               1 
# 
_reflns_shell.d_res_high             2.30 
_reflns_shell.d_res_low              2.36 
_reflns_shell.percent_possible_all   99 
_reflns_shell.Rmerge_I_obs           0.076 
_reflns_shell.pdbx_Rsym_value        0.487 
_reflns_shell.meanI_over_sigI_obs    1.4 
_reflns_shell.pdbx_redundancy        8.2 
_reflns_shell.percent_possible_obs   ? 
_reflns_shell.number_unique_all      378 
_reflns_shell.number_measured_all    ? 
_reflns_shell.number_measured_obs    ? 
_reflns_shell.number_unique_obs      ? 
_reflns_shell.pdbx_chi_squared       ? 
_reflns_shell.pdbx_ordinal           1 
_reflns_shell.pdbx_diffrn_id         1 
# 
_refine.entry_id                                 4RIM 
_refine.ls_number_reflns_obs                     1595 
_refine.ls_number_reflns_all                     ? 
_refine.pdbx_ls_sigma_I                          ? 
_refine.pdbx_data_cutoff_high_absF               ? 
_refine.pdbx_data_cutoff_low_absF                ? 
_refine.pdbx_data_cutoff_high_rms_absF           ? 
_refine.ls_d_res_low                             50 
_refine.ls_d_res_high                            2.30 
_refine.ls_percent_reflns_obs                    99.77 
_refine.ls_R_factor_obs                          0.30146 
_refine.ls_R_factor_R_work                       0.29906 
_refine.ls_R_factor_R_free                       0.30173 
_refine.ls_R_factor_R_free_error                 ? 
_refine.ls_R_factor_R_free_error_details         ? 
_refine.ls_percent_reflns_R_free                 8.9 
_refine.ls_number_reflns_R_free                  156 
_refine.ls_number_parameters                     ? 
_refine.ls_number_restraints                     ? 
_refine.occupancy_min                            ? 
_refine.occupancy_max                            ? 
_refine.correlation_coeff_Fo_to_Fc               0.922 
_refine.correlation_coeff_Fo_to_Fc_free          0.902 
_refine.B_iso_mean                               59.175 
_refine.aniso_B[1][1]                            1.81 
_refine.aniso_B[2][2]                            1.81 
_refine.aniso_B[3][3]                            -5.88 
_refine.aniso_B[1][2]                            0.91 
_refine.aniso_B[1][3]                            -0.00 
_refine.aniso_B[2][3]                            -0.00 
_refine.solvent_model_details                    MASK 
_refine.solvent_model_param_ksol                 ? 
_refine.solvent_model_param_bsol                 ? 
_refine.pdbx_solvent_vdw_probe_radii             1.00 
_refine.pdbx_solvent_ion_probe_radii             0.90 
_refine.pdbx_solvent_shrinkage_radii             0.90 
_refine.pdbx_ls_cross_valid_method               THROUGHOUT 
_refine.details                                  'HYDROGENS HAVE BEEN ADDED IN THE RIDING POSITIONS' 
_refine.pdbx_starting_model                      ? 
_refine.pdbx_method_to_determine_struct          'MOLECULAR REPLACEMENT' 
_refine.pdbx_isotropic_thermal_model             ? 
_refine.pdbx_stereochemistry_target_values       'MAXIMUM LIKELIHOOD' 
_refine.pdbx_stereochem_target_val_spec_case     ? 
_refine.pdbx_R_Free_selection_details            RANDOM 
_refine.pdbx_overall_ESU_R                       0.358 
_refine.pdbx_overall_ESU_R_Free                  0.251 
_refine.overall_SU_ML                            0.149 
_refine.pdbx_overall_phase_error                 ? 
_refine.overall_SU_B                             13.738 
_refine.overall_SU_R_Cruickshank_DPI             ? 
_refine.ls_redundancy_reflns_obs                 ? 
_refine.B_iso_min                                ? 
_refine.B_iso_max                                ? 
_refine.overall_SU_R_free                        ? 
_refine.ls_wR_factor_R_free                      ? 
_refine.ls_wR_factor_R_work                      ? 
_refine.overall_FOM_free_R_set                   ? 
_refine.overall_FOM_work_R_set                   ? 
_refine.ls_R_factor_all                          ? 
_refine.pdbx_ls_sigma_F                          ? 
_refine.pdbx_diffrn_id                           1 
_refine.pdbx_refine_id                           'X-RAY DIFFRACTION' 
_refine.pdbx_TLS_residual_ADP_flag               ? 
_refine.pdbx_overall_SU_R_free_Cruickshank_DPI   ? 
_refine.pdbx_overall_SU_R_Blow_DPI               ? 
_refine.pdbx_overall_SU_R_free_Blow_DPI          ? 
# 
_refine_hist.pdbx_refine_id                   'X-RAY DIFFRACTION' 
_refine_hist.cycle_id                         LAST 
_refine_hist.pdbx_number_atoms_protein        0 
_refine_hist.pdbx_number_atoms_nucleic_acid   199 
_refine_hist.pdbx_number_atoms_ligand         0 
_refine_hist.number_atoms_solvent             0 
_refine_hist.number_atoms_total               199 
_refine_hist.d_res_high                       2.30 
_refine_hist.d_res_low                        50 
# 
loop_
_refine_ls_restr.type 
_refine_ls_restr.dev_ideal 
_refine_ls_restr.dev_ideal_target 
_refine_ls_restr.weight 
_refine_ls_restr.number 
_refine_ls_restr.pdbx_restraint_function 
_refine_ls_restr.pdbx_refine_id 
r_bond_refined_d             0.007 0.011  ? 223 ? 'X-RAY DIFFRACTION' 
r_bond_other_d               0.003 0.020  ? 109 ? 'X-RAY DIFFRACTION' 
r_angle_refined_deg          1.216 1.178  ? 342 ? 'X-RAY DIFFRACTION' 
r_angle_other_deg            1.853 3.000  ? 259 ? 'X-RAY DIFFRACTION' 
r_dihedral_angle_1_deg       ?     ?      ? ?   ? 'X-RAY DIFFRACTION' 
r_dihedral_angle_2_deg       ?     ?      ? ?   ? 'X-RAY DIFFRACTION' 
r_dihedral_angle_3_deg       ?     ?      ? ?   ? 'X-RAY DIFFRACTION' 
r_dihedral_angle_4_deg       ?     ?      ? ?   ? 'X-RAY DIFFRACTION' 
r_chiral_restr               0.105 0.200  ? 29  ? 'X-RAY DIFFRACTION' 
r_gen_planes_refined         0.013 0.020  ? 110 ? 'X-RAY DIFFRACTION' 
r_gen_planes_other           0.002 0.020  ? 44  ? 'X-RAY DIFFRACTION' 
r_nbd_refined                ?     ?      ? ?   ? 'X-RAY DIFFRACTION' 
r_nbd_other                  ?     ?      ? ?   ? 'X-RAY DIFFRACTION' 
r_nbtor_refined              ?     ?      ? ?   ? 'X-RAY DIFFRACTION' 
r_nbtor_other                ?     ?      ? ?   ? 'X-RAY DIFFRACTION' 
r_xyhbond_nbd_refined        ?     ?      ? ?   ? 'X-RAY DIFFRACTION' 
r_xyhbond_nbd_other          ?     ?      ? ?   ? 'X-RAY DIFFRACTION' 
r_metal_ion_refined          ?     ?      ? ?   ? 'X-RAY DIFFRACTION' 
r_metal_ion_other            ?     ?      ? ?   ? 'X-RAY DIFFRACTION' 
r_symmetry_vdw_refined       ?     ?      ? ?   ? 'X-RAY DIFFRACTION' 
r_symmetry_vdw_other         ?     ?      ? ?   ? 'X-RAY DIFFRACTION' 
r_symmetry_hbond_refined     ?     ?      ? ?   ? 'X-RAY DIFFRACTION' 
r_symmetry_hbond_other       ?     ?      ? ?   ? 'X-RAY DIFFRACTION' 
r_symmetry_metal_ion_refined ?     ?      ? ?   ? 'X-RAY DIFFRACTION' 
r_symmetry_metal_ion_other   ?     ?      ? ?   ? 'X-RAY DIFFRACTION' 
r_mcbond_it                  ?     ?      ? ?   ? 'X-RAY DIFFRACTION' 
r_mcbond_other               ?     ?      ? ?   ? 'X-RAY DIFFRACTION' 
r_mcangle_it                 ?     ?      ? ?   ? 'X-RAY DIFFRACTION' 
r_mcangle_other              ?     ?      ? ?   ? 'X-RAY DIFFRACTION' 
r_scbond_it                  2.078 4.927  ? 221 ? 'X-RAY DIFFRACTION' 
r_scbond_other               2.081 4.906  ? 220 ? 'X-RAY DIFFRACTION' 
r_scangle_it                 ?     ?      ? ?   ? 'X-RAY DIFFRACTION' 
r_scangle_other              3.618 7.368  ? 342 ? 'X-RAY DIFFRACTION' 
r_long_range_B_refined       4.284 47.820 ? 283 ? 'X-RAY DIFFRACTION' 
r_long_range_B_other         4.276 47.801 ? 284 ? 'X-RAY DIFFRACTION' 
r_rigid_bond_restr           ?     ?      ? ?   ? 'X-RAY DIFFRACTION' 
r_sphericity_free            ?     ?      ? ?   ? 'X-RAY DIFFRACTION' 
r_sphericity_bonded          ?     ?      ? ?   ? 'X-RAY DIFFRACTION' 
# 
_refine_ls_shell.pdbx_total_number_of_bins_used   20 
_refine_ls_shell.d_res_high                       2.300 
_refine_ls_shell.d_res_low                        2.360 
_refine_ls_shell.number_reflns_R_work             99 
_refine_ls_shell.R_factor_R_work                  0.315 
_refine_ls_shell.percent_reflns_obs               100.00 
_refine_ls_shell.R_factor_R_free                  0.439 
_refine_ls_shell.R_factor_R_free_error            ? 
_refine_ls_shell.percent_reflns_R_free            ? 
_refine_ls_shell.number_reflns_R_free             7 
_refine_ls_shell.number_reflns_all                ? 
_refine_ls_shell.R_factor_all                     ? 
_refine_ls_shell.number_reflns_obs                ? 
_refine_ls_shell.redundancy_reflns_obs            ? 
_refine_ls_shell.pdbx_refine_id                   'X-RAY DIFFRACTION' 
# 
_struct.entry_id                  4RIM 
_struct.title                     'Native structure of intercalation-locked DNA tetraplex' 
_struct.pdbx_model_details        ? 
_struct.pdbx_CASP_flag            ? 
_struct.pdbx_model_type_details   ? 
# 
_struct_keywords.entry_id        4RIM 
_struct_keywords.pdbx_keywords   DNA 
_struct_keywords.text            'DNA, Homo-duplex, Intercalation-locked DNA tetraplex' 
# 
_struct_asym.id                            A 
_struct_asym.pdbx_blank_PDB_chainid_flag   N 
_struct_asym.pdbx_modified                 N 
_struct_asym.entity_id                     1 
_struct_asym.details                       ? 
# 
_struct_ref.id                         1 
_struct_ref.db_name                    PDB 
_struct_ref.db_code                    4RIM 
_struct_ref.pdbx_db_accession          4RIM 
_struct_ref.entity_id                  1 
_struct_ref.pdbx_align_begin           ? 
_struct_ref.pdbx_seq_one_letter_code   ? 
_struct_ref.pdbx_db_isoform            ? 
# 
_struct_ref_seq.align_id                      1 
_struct_ref_seq.ref_id                        1 
_struct_ref_seq.pdbx_PDB_id_code              4RIM 
_struct_ref_seq.pdbx_strand_id                A 
_struct_ref_seq.seq_align_beg                 1 
_struct_ref_seq.pdbx_seq_align_beg_ins_code   ? 
_struct_ref_seq.seq_align_end                 11 
_struct_ref_seq.pdbx_seq_align_end_ins_code   ? 
_struct_ref_seq.pdbx_db_accession             4RIM 
_struct_ref_seq.db_align_beg                  1 
_struct_ref_seq.pdbx_db_align_beg_ins_code    ? 
_struct_ref_seq.db_align_end                  11 
_struct_ref_seq.pdbx_db_align_end_ins_code    ? 
_struct_ref_seq.pdbx_auth_seq_align_beg       1 
_struct_ref_seq.pdbx_auth_seq_align_end       11 
# 
_pdbx_struct_assembly.id                   1 
_pdbx_struct_assembly.details              author_defined_assembly 
_pdbx_struct_assembly.method_details       ? 
_pdbx_struct_assembly.oligomeric_details   tetrameric 
_pdbx_struct_assembly.oligomeric_count     4 
# 
_pdbx_struct_assembly_gen.assembly_id       1 
_pdbx_struct_assembly_gen.oper_expression   1,2,3,4 
_pdbx_struct_assembly_gen.asym_id_list      A 
# 
loop_
_pdbx_struct_oper_list.id 
_pdbx_struct_oper_list.type 
_pdbx_struct_oper_list.name 
_pdbx_struct_oper_list.symmetry_operation 
_pdbx_struct_oper_list.matrix[1][1] 
_pdbx_struct_oper_list.matrix[1][2] 
_pdbx_struct_oper_list.matrix[1][3] 
_pdbx_struct_oper_list.vector[1] 
_pdbx_struct_oper_list.matrix[2][1] 
_pdbx_struct_oper_list.matrix[2][2] 
_pdbx_struct_oper_list.matrix[2][3] 
_pdbx_struct_oper_list.vector[2] 
_pdbx_struct_oper_list.matrix[3][1] 
_pdbx_struct_oper_list.matrix[3][2] 
_pdbx_struct_oper_list.matrix[3][3] 
_pdbx_struct_oper_list.vector[3] 
1 'identity operation'         1_555  x,y,z        1.0000000000  0.0000000000  0.0000000000  0.0000000000   0.0000000000  1.0000000000  0.0000000000  0.0000000000 0.0000000000  0.0000000000  1.0000000000  0.0000000000 
2 'crystal symmetry operation' 4_555  -x,-y,z      0.9398800763  -0.2788408084 -0.1971629930 0.4980369109   -0.2788408084 -0.9599190706 0.0283404572  3.3768012704 -0.1971629930 0.0283404572  -0.9799610057 0.1244751061 
3 'crystal symmetry operation' 7_554  y,x,-z-1/3   -0.9999306152 -0.0064753095 0.0098404808  -18.9314076398 -0.0064753095 -0.3956938606 -0.9183596458 5.2095531844 0.0098404808  -0.9183596458 0.3956244758  3.5615150472 
4 'crystal symmetry operation' 10_554 -y,-x,-z-1/3 -0.9399494610 0.2853161180  0.1873225122  -19.4500509330 0.2853161180  0.3556129311  0.8900191886  3.7558357958 0.1873225122  0.8900191886  -0.4156634701 0.5145433498 
# 
_struct_biol.id        1 
_struct_biol.details   ? 
# 
loop_
_struct_conn.id 
_struct_conn.conn_type_id 
_struct_conn.pdbx_leaving_atom_flag 
_struct_conn.pdbx_PDB_id 
_struct_conn.ptnr1_label_asym_id 
_struct_conn.ptnr1_label_comp_id 
_struct_conn.ptnr1_label_seq_id 
_struct_conn.ptnr1_label_atom_id 
_struct_conn.pdbx_ptnr1_label_alt_id 
_struct_conn.pdbx_ptnr1_PDB_ins_code 
_struct_conn.pdbx_ptnr1_standard_comp_id 
_struct_conn.ptnr1_symmetry 
_struct_conn.ptnr2_label_asym_id 
_struct_conn.ptnr2_label_comp_id 
_struct_conn.ptnr2_label_seq_id 
_struct_conn.ptnr2_label_atom_id 
_struct_conn.pdbx_ptnr2_label_alt_id 
_struct_conn.pdbx_ptnr2_PDB_ins_code 
_struct_conn.ptnr1_auth_asym_id 
_struct_conn.ptnr1_auth_comp_id 
_struct_conn.ptnr1_auth_seq_id 
_struct_conn.ptnr2_auth_asym_id 
_struct_conn.ptnr2_auth_comp_id 
_struct_conn.ptnr2_auth_seq_id 
_struct_conn.ptnr2_symmetry 
_struct_conn.pdbx_ptnr3_label_atom_id 
_struct_conn.pdbx_ptnr3_label_seq_id 
_struct_conn.pdbx_ptnr3_label_comp_id 
_struct_conn.pdbx_ptnr3_label_asym_id 
_struct_conn.pdbx_ptnr3_label_alt_id 
_struct_conn.pdbx_ptnr3_PDB_ins_code 
_struct_conn.details 
_struct_conn.pdbx_dist_value 
_struct_conn.pdbx_value_order 
_struct_conn.pdbx_role 
hydrog1  hydrog ? ? A DA 1  N6 ? ? ? 1_555 A DA 1  N7 ? ? A DA 1  A DA 1  4_555 ? ? ? ? ? ? TYPE_2_PAIR  ? ? ? 
hydrog2  hydrog ? ? A DA 1  N7 ? ? ? 1_555 A DA 1  N6 ? ? A DA 1  A DA 1  4_555 ? ? ? ? ? ? TYPE_2_PAIR  ? ? ? 
hydrog3  hydrog ? ? A DC 4  N3 ? ? ? 1_555 A DC 4  N4 ? ? A DC 4  A DC 4  4_555 ? ? ? ? ? ? TYPE_14_PAIR ? ? ? 
hydrog4  hydrog ? ? A DC 4  N4 ? ? ? 1_555 A DC 4  N3 ? ? A DC 4  A DC 4  4_555 ? ? ? ? ? ? TYPE_14_PAIR ? ? ? 
hydrog5  hydrog ? ? A DG 5  N2 ? ? ? 1_555 A DG 5  N3 ? ? A DG 5  A DG 5  4_555 ? ? ? ? ? ? TYPE_4_PAIR  ? ? ? 
hydrog6  hydrog ? ? A DG 5  N3 ? ? ? 1_555 A DG 5  N2 ? ? A DG 5  A DG 5  4_555 ? ? ? ? ? ? TYPE_4_PAIR  ? ? ? 
hydrog7  hydrog ? ? A DG 6  N2 ? ? ? 1_555 A DG 6  N3 ? ? A DG 6  A DG 6  4_555 ? ? ? ? ? ? TYPE_4_PAIR  ? ? ? 
hydrog8  hydrog ? ? A DG 6  N3 ? ? ? 1_555 A DG 6  N2 ? ? A DG 6  A DG 6  4_555 ? ? ? ? ? ? TYPE_4_PAIR  ? ? ? 
hydrog9  hydrog ? ? A DA 7  N6 ? ? ? 1_555 A DA 7  N7 ? ? A DA 7  A DA 7  4_555 ? ? ? ? ? ? TYPE_2_PAIR  ? ? ? 
hydrog10 hydrog ? ? A DA 7  N7 ? ? ? 1_555 A DA 7  N6 ? ? A DA 7  A DA 7  4_555 ? ? ? ? ? ? TYPE_2_PAIR  ? ? ? 
hydrog11 hydrog ? ? A DT 8  N3 ? ? ? 1_555 A DT 8  O4 ? ? A DT 8  A DT 8  4_555 ? ? ? ? ? ? TYPE_12_PAIR ? ? ? 
hydrog12 hydrog ? ? A DT 8  O4 ? ? ? 1_555 A DT 8  N3 ? ? A DT 8  A DT 8  4_555 ? ? ? ? ? ? TYPE_12_PAIR ? ? ? 
hydrog13 hydrog ? ? A DG 9  N2 ? ? ? 1_555 A DG 9  N3 ? ? A DG 9  A DG 9  4_555 ? ? ? ? ? ? TYPE_4_PAIR  ? ? ? 
hydrog14 hydrog ? ? A DG 9  N3 ? ? ? 1_555 A DG 9  N2 ? ? A DG 9  A DG 9  4_555 ? ? ? ? ? ? TYPE_4_PAIR  ? ? ? 
hydrog15 hydrog ? ? A DA 10 N6 ? ? ? 1_555 A DA 10 N7 ? ? A DA 10 A DA 10 4_555 ? ? ? ? ? ? TYPE_2_PAIR  ? ? ? 
hydrog16 hydrog ? ? A DA 10 N7 ? ? ? 1_555 A DA 10 N6 ? ? A DA 10 A DA 10 4_555 ? ? ? ? ? ? TYPE_2_PAIR  ? ? ? 
# 
_struct_conn_type.id          hydrog 
_struct_conn_type.criteria    ? 
_struct_conn_type.reference   ? 
# 
_pdbx_refine_tls.pdbx_refine_id   'X-RAY DIFFRACTION' 
_pdbx_refine_tls.id               1 
_pdbx_refine_tls.details          ? 
_pdbx_refine_tls.method           refined 
_pdbx_refine_tls.origin_x         -0.2972 
_pdbx_refine_tls.origin_y         -0.0739 
_pdbx_refine_tls.origin_z         0.0405 
_pdbx_refine_tls.T[1][1]          0.0740 
_pdbx_refine_tls.T[2][2]          0.0435 
_pdbx_refine_tls.T[3][3]          0.0655 
_pdbx_refine_tls.T[1][2]          0.0228 
_pdbx_refine_tls.T[1][3]          0.0093 
_pdbx_refine_tls.T[2][3]          0.0349 
_pdbx_refine_tls.L[1][1]          9.1649 
_pdbx_refine_tls.L[2][2]          1.1238 
_pdbx_refine_tls.L[3][3]          1.0617 
_pdbx_refine_tls.L[1][2]          -0.1810 
_pdbx_refine_tls.L[1][3]          -1.0244 
_pdbx_refine_tls.L[2][3]          0.5651 
_pdbx_refine_tls.S[1][1]          -0.0261 
_pdbx_refine_tls.S[1][2]          -0.1123 
_pdbx_refine_tls.S[1][3]          -0.2403 
_pdbx_refine_tls.S[2][1]          0.0380 
_pdbx_refine_tls.S[2][2]          0.0440 
_pdbx_refine_tls.S[2][3]          -0.1563 
_pdbx_refine_tls.S[3][1]          0.2434 
_pdbx_refine_tls.S[3][2]          0.0875 
_pdbx_refine_tls.S[3][3]          -0.0181 
# 
_pdbx_refine_tls_group.pdbx_refine_id      'X-RAY DIFFRACTION' 
_pdbx_refine_tls_group.id                  1 
_pdbx_refine_tls_group.refine_tls_id       1 
_pdbx_refine_tls_group.beg_auth_asym_id    A 
_pdbx_refine_tls_group.beg_auth_seq_id     1 
_pdbx_refine_tls_group.beg_label_asym_id   ? 
_pdbx_refine_tls_group.beg_label_seq_id    ? 
_pdbx_refine_tls_group.end_auth_asym_id    A 
_pdbx_refine_tls_group.end_auth_seq_id     11 
_pdbx_refine_tls_group.end_label_asym_id   ? 
_pdbx_refine_tls_group.end_label_seq_id    ? 
_pdbx_refine_tls_group.selection           ? 
_pdbx_refine_tls_group.selection_details   ? 
# 
loop_
_chem_comp_atom.comp_id 
_chem_comp_atom.atom_id 
_chem_comp_atom.type_symbol 
_chem_comp_atom.pdbx_aromatic_flag 
_chem_comp_atom.pdbx_stereo_config 
_chem_comp_atom.pdbx_ordinal 
DA OP3    O N N 1   
DA P      P N N 2   
DA OP1    O N N 3   
DA OP2    O N N 4   
DA "O5'"  O N N 5   
DA "C5'"  C N N 6   
DA "C4'"  C N R 7   
DA "O4'"  O N N 8   
DA "C3'"  C N S 9   
DA "O3'"  O N N 10  
DA "C2'"  C N N 11  
DA "C1'"  C N R 12  
DA N9     N Y N 13  
DA C8     C Y N 14  
DA N7     N Y N 15  
DA C5     C Y N 16  
DA C6     C Y N 17  
DA N6     N N N 18  
DA N1     N Y N 19  
DA C2     C Y N 20  
DA N3     N Y N 21  
DA C4     C Y N 22  
DA HOP3   H N N 23  
DA HOP2   H N N 24  
DA "H5'"  H N N 25  
DA "H5''" H N N 26  
DA "H4'"  H N N 27  
DA "H3'"  H N N 28  
DA "HO3'" H N N 29  
DA "H2'"  H N N 30  
DA "H2''" H N N 31  
DA "H1'"  H N N 32  
DA H8     H N N 33  
DA H61    H N N 34  
DA H62    H N N 35  
DA H2     H N N 36  
DC OP3    O N N 37  
DC P      P N N 38  
DC OP1    O N N 39  
DC OP2    O N N 40  
DC "O5'"  O N N 41  
DC "C5'"  C N N 42  
DC "C4'"  C N R 43  
DC "O4'"  O N N 44  
DC "C3'"  C N S 45  
DC "O3'"  O N N 46  
DC "C2'"  C N N 47  
DC "C1'"  C N R 48  
DC N1     N N N 49  
DC C2     C N N 50  
DC O2     O N N 51  
DC N3     N N N 52  
DC C4     C N N 53  
DC N4     N N N 54  
DC C5     C N N 55  
DC C6     C N N 56  
DC HOP3   H N N 57  
DC HOP2   H N N 58  
DC "H5'"  H N N 59  
DC "H5''" H N N 60  
DC "H4'"  H N N 61  
DC "H3'"  H N N 62  
DC "HO3'" H N N 63  
DC "H2'"  H N N 64  
DC "H2''" H N N 65  
DC "H1'"  H N N 66  
DC H41    H N N 67  
DC H42    H N N 68  
DC H5     H N N 69  
DC H6     H N N 70  
DG OP3    O N N 71  
DG P      P N N 72  
DG OP1    O N N 73  
DG OP2    O N N 74  
DG "O5'"  O N N 75  
DG "C5'"  C N N 76  
DG "C4'"  C N R 77  
DG "O4'"  O N N 78  
DG "C3'"  C N S 79  
DG "O3'"  O N N 80  
DG "C2'"  C N N 81  
DG "C1'"  C N R 82  
DG N9     N Y N 83  
DG C8     C Y N 84  
DG N7     N Y N 85  
DG C5     C Y N 86  
DG C6     C N N 87  
DG O6     O N N 88  
DG N1     N N N 89  
DG C2     C N N 90  
DG N2     N N N 91  
DG N3     N N N 92  
DG C4     C Y N 93  
DG HOP3   H N N 94  
DG HOP2   H N N 95  
DG "H5'"  H N N 96  
DG "H5''" H N N 97  
DG "H4'"  H N N 98  
DG "H3'"  H N N 99  
DG "HO3'" H N N 100 
DG "H2'"  H N N 101 
DG "H2''" H N N 102 
DG "H1'"  H N N 103 
DG H8     H N N 104 
DG H1     H N N 105 
DG H21    H N N 106 
DG H22    H N N 107 
DT OP3    O N N 108 
DT P      P N N 109 
DT OP1    O N N 110 
DT OP2    O N N 111 
DT "O5'"  O N N 112 
DT "C5'"  C N N 113 
DT "C4'"  C N R 114 
DT "O4'"  O N N 115 
DT "C3'"  C N S 116 
DT "O3'"  O N N 117 
DT "C2'"  C N N 118 
DT "C1'"  C N R 119 
DT N1     N N N 120 
DT C2     C N N 121 
DT O2     O N N 122 
DT N3     N N N 123 
DT C4     C N N 124 
DT O4     O N N 125 
DT C5     C N N 126 
DT C7     C N N 127 
DT C6     C N N 128 
DT HOP3   H N N 129 
DT HOP2   H N N 130 
DT "H5'"  H N N 131 
DT "H5''" H N N 132 
DT "H4'"  H N N 133 
DT "H3'"  H N N 134 
DT "HO3'" H N N 135 
DT "H2'"  H N N 136 
DT "H2''" H N N 137 
DT "H1'"  H N N 138 
DT H3     H N N 139 
DT H71    H N N 140 
DT H72    H N N 141 
DT H73    H N N 142 
DT H6     H N N 143 
# 
loop_
_chem_comp_bond.comp_id 
_chem_comp_bond.atom_id_1 
_chem_comp_bond.atom_id_2 
_chem_comp_bond.value_order 
_chem_comp_bond.pdbx_aromatic_flag 
_chem_comp_bond.pdbx_stereo_config 
_chem_comp_bond.pdbx_ordinal 
DA OP3   P      sing N N 1   
DA OP3   HOP3   sing N N 2   
DA P     OP1    doub N N 3   
DA P     OP2    sing N N 4   
DA P     "O5'"  sing N N 5   
DA OP2   HOP2   sing N N 6   
DA "O5'" "C5'"  sing N N 7   
DA "C5'" "C4'"  sing N N 8   
DA "C5'" "H5'"  sing N N 9   
DA "C5'" "H5''" sing N N 10  
DA "C4'" "O4'"  sing N N 11  
DA "C4'" "C3'"  sing N N 12  
DA "C4'" "H4'"  sing N N 13  
DA "O4'" "C1'"  sing N N 14  
DA "C3'" "O3'"  sing N N 15  
DA "C3'" "C2'"  sing N N 16  
DA "C3'" "H3'"  sing N N 17  
DA "O3'" "HO3'" sing N N 18  
DA "C2'" "C1'"  sing N N 19  
DA "C2'" "H2'"  sing N N 20  
DA "C2'" "H2''" sing N N 21  
DA "C1'" N9     sing N N 22  
DA "C1'" "H1'"  sing N N 23  
DA N9    C8     sing Y N 24  
DA N9    C4     sing Y N 25  
DA C8    N7     doub Y N 26  
DA C8    H8     sing N N 27  
DA N7    C5     sing Y N 28  
DA C5    C6     sing Y N 29  
DA C5    C4     doub Y N 30  
DA C6    N6     sing N N 31  
DA C6    N1     doub Y N 32  
DA N6    H61    sing N N 33  
DA N6    H62    sing N N 34  
DA N1    C2     sing Y N 35  
DA C2    N3     doub Y N 36  
DA C2    H2     sing N N 37  
DA N3    C4     sing Y N 38  
DC OP3   P      sing N N 39  
DC OP3   HOP3   sing N N 40  
DC P     OP1    doub N N 41  
DC P     OP2    sing N N 42  
DC P     "O5'"  sing N N 43  
DC OP2   HOP2   sing N N 44  
DC "O5'" "C5'"  sing N N 45  
DC "C5'" "C4'"  sing N N 46  
DC "C5'" "H5'"  sing N N 47  
DC "C5'" "H5''" sing N N 48  
DC "C4'" "O4'"  sing N N 49  
DC "C4'" "C3'"  sing N N 50  
DC "C4'" "H4'"  sing N N 51  
DC "O4'" "C1'"  sing N N 52  
DC "C3'" "O3'"  sing N N 53  
DC "C3'" "C2'"  sing N N 54  
DC "C3'" "H3'"  sing N N 55  
DC "O3'" "HO3'" sing N N 56  
DC "C2'" "C1'"  sing N N 57  
DC "C2'" "H2'"  sing N N 58  
DC "C2'" "H2''" sing N N 59  
DC "C1'" N1     sing N N 60  
DC "C1'" "H1'"  sing N N 61  
DC N1    C2     sing N N 62  
DC N1    C6     sing N N 63  
DC C2    O2     doub N N 64  
DC C2    N3     sing N N 65  
DC N3    C4     doub N N 66  
DC C4    N4     sing N N 67  
DC C4    C5     sing N N 68  
DC N4    H41    sing N N 69  
DC N4    H42    sing N N 70  
DC C5    C6     doub N N 71  
DC C5    H5     sing N N 72  
DC C6    H6     sing N N 73  
DG OP3   P      sing N N 74  
DG OP3   HOP3   sing N N 75  
DG P     OP1    doub N N 76  
DG P     OP2    sing N N 77  
DG P     "O5'"  sing N N 78  
DG OP2   HOP2   sing N N 79  
DG "O5'" "C5'"  sing N N 80  
DG "C5'" "C4'"  sing N N 81  
DG "C5'" "H5'"  sing N N 82  
DG "C5'" "H5''" sing N N 83  
DG "C4'" "O4'"  sing N N 84  
DG "C4'" "C3'"  sing N N 85  
DG "C4'" "H4'"  sing N N 86  
DG "O4'" "C1'"  sing N N 87  
DG "C3'" "O3'"  sing N N 88  
DG "C3'" "C2'"  sing N N 89  
DG "C3'" "H3'"  sing N N 90  
DG "O3'" "HO3'" sing N N 91  
DG "C2'" "C1'"  sing N N 92  
DG "C2'" "H2'"  sing N N 93  
DG "C2'" "H2''" sing N N 94  
DG "C1'" N9     sing N N 95  
DG "C1'" "H1'"  sing N N 96  
DG N9    C8     sing Y N 97  
DG N9    C4     sing Y N 98  
DG C8    N7     doub Y N 99  
DG C8    H8     sing N N 100 
DG N7    C5     sing Y N 101 
DG C5    C6     sing N N 102 
DG C5    C4     doub Y N 103 
DG C6    O6     doub N N 104 
DG C6    N1     sing N N 105 
DG N1    C2     sing N N 106 
DG N1    H1     sing N N 107 
DG C2    N2     sing N N 108 
DG C2    N3     doub N N 109 
DG N2    H21    sing N N 110 
DG N2    H22    sing N N 111 
DG N3    C4     sing N N 112 
DT OP3   P      sing N N 113 
DT OP3   HOP3   sing N N 114 
DT P     OP1    doub N N 115 
DT P     OP2    sing N N 116 
DT P     "O5'"  sing N N 117 
DT OP2   HOP2   sing N N 118 
DT "O5'" "C5'"  sing N N 119 
DT "C5'" "C4'"  sing N N 120 
DT "C5'" "H5'"  sing N N 121 
DT "C5'" "H5''" sing N N 122 
DT "C4'" "O4'"  sing N N 123 
DT "C4'" "C3'"  sing N N 124 
DT "C4'" "H4'"  sing N N 125 
DT "O4'" "C1'"  sing N N 126 
DT "C3'" "O3'"  sing N N 127 
DT "C3'" "C2'"  sing N N 128 
DT "C3'" "H3'"  sing N N 129 
DT "O3'" "HO3'" sing N N 130 
DT "C2'" "C1'"  sing N N 131 
DT "C2'" "H2'"  sing N N 132 
DT "C2'" "H2''" sing N N 133 
DT "C1'" N1     sing N N 134 
DT "C1'" "H1'"  sing N N 135 
DT N1    C2     sing N N 136 
DT N1    C6     sing N N 137 
DT C2    O2     doub N N 138 
DT C2    N3     sing N N 139 
DT N3    C4     sing N N 140 
DT N3    H3     sing N N 141 
DT C4    O4     doub N N 142 
DT C4    C5     sing N N 143 
DT C5    C7     sing N N 144 
DT C5    C6     doub N N 145 
DT C7    H71    sing N N 146 
DT C7    H72    sing N N 147 
DT C7    H73    sing N N 148 
DT C6    H6     sing N N 149 
# 
loop_
_ndb_struct_conf_na.entry_id 
_ndb_struct_conf_na.feature 
4RIM 'double helix'         
4RIM 'parallel strands'     
4RIM 'mismatched base pair' 
# 
loop_
_ndb_struct_na_base_pair.model_number 
_ndb_struct_na_base_pair.i_label_asym_id 
_ndb_struct_na_base_pair.i_label_comp_id 
_ndb_struct_na_base_pair.i_label_seq_id 
_ndb_struct_na_base_pair.i_symmetry 
_ndb_struct_na_base_pair.j_label_asym_id 
_ndb_struct_na_base_pair.j_label_comp_id 
_ndb_struct_na_base_pair.j_label_seq_id 
_ndb_struct_na_base_pair.j_symmetry 
_ndb_struct_na_base_pair.shear 
_ndb_struct_na_base_pair.stretch 
_ndb_struct_na_base_pair.stagger 
_ndb_struct_na_base_pair.buckle 
_ndb_struct_na_base_pair.propeller 
_ndb_struct_na_base_pair.opening 
_ndb_struct_na_base_pair.pair_number 
_ndb_struct_na_base_pair.pair_name 
_ndb_struct_na_base_pair.i_auth_asym_id 
_ndb_struct_na_base_pair.i_auth_seq_id 
_ndb_struct_na_base_pair.i_PDB_ins_code 
_ndb_struct_na_base_pair.j_auth_asym_id 
_ndb_struct_na_base_pair.j_auth_seq_id 
_ndb_struct_na_base_pair.j_PDB_ins_code 
_ndb_struct_na_base_pair.hbond_type_28 
_ndb_struct_na_base_pair.hbond_type_12 
1 A DA 1  1_555 A DA 1  4_555 5.748  -4.958 0.000 14.890  -23.796 180.000  1 A_DA1:DA1_A   A 1  ? A 1  ? 2  7  
1 A DC 4  1_555 A DC 4  4_555 2.101  1.173  0.000 -0.256  -2.575  180.000  2 A_DC4:DC4_A   A 4  ? A 4  ? 14 2  
1 A DG 5  1_555 A DG 5  4_555 -8.467 -0.537 0.000 -18.456 -20.315 -180.000 3 A_DG5:DG5_A   A 5  ? A 5  ? 4  12 
1 A DG 6  1_555 A DG 6  4_555 -7.339 -0.261 0.000 -12.111 -23.545 -180.000 4 A_DG6:DG6_A   A 6  ? A 6  ? 4  12 
1 A DA 7  1_555 A DA 7  4_555 -5.889 5.058  0.000 -26.287 14.455  -180.000 5 A_DA7:DA7_A   A 7  ? A 7  ? 2  7  
1 A DT 8  1_555 A DT 8  4_555 0.403  1.375  0.000 0.730   -7.986  -180.000 6 A_DT8:DT8_A   A 8  ? A 8  ? 12 2  
1 A DG 9  1_555 A DG 9  4_555 3.537  8.080  0.000 6.322   31.566  180.000  7 A_DG9:DG9_A   A 9  ? A 9  ? 4  12 
1 A DA 10 1_555 A DA 10 4_555 5.408  -5.151 0.000 11.307  -36.617 180.000  8 A_DA10:DA10_A A 10 ? A 10 ? 2  7  
# 
loop_
_ndb_struct_na_base_pair_step.model_number 
_ndb_struct_na_base_pair_step.i_label_asym_id_1 
_ndb_struct_na_base_pair_step.i_label_comp_id_1 
_ndb_struct_na_base_pair_step.i_label_seq_id_1 
_ndb_struct_na_base_pair_step.i_symmetry_1 
_ndb_struct_na_base_pair_step.j_label_asym_id_1 
_ndb_struct_na_base_pair_step.j_label_comp_id_1 
_ndb_struct_na_base_pair_step.j_label_seq_id_1 
_ndb_struct_na_base_pair_step.j_symmetry_1 
_ndb_struct_na_base_pair_step.i_label_asym_id_2 
_ndb_struct_na_base_pair_step.i_label_comp_id_2 
_ndb_struct_na_base_pair_step.i_label_seq_id_2 
_ndb_struct_na_base_pair_step.i_symmetry_2 
_ndb_struct_na_base_pair_step.j_label_asym_id_2 
_ndb_struct_na_base_pair_step.j_label_comp_id_2 
_ndb_struct_na_base_pair_step.j_label_seq_id_2 
_ndb_struct_na_base_pair_step.j_symmetry_2 
_ndb_struct_na_base_pair_step.shift 
_ndb_struct_na_base_pair_step.slide 
_ndb_struct_na_base_pair_step.rise 
_ndb_struct_na_base_pair_step.tilt 
_ndb_struct_na_base_pair_step.roll 
_ndb_struct_na_base_pair_step.twist 
_ndb_struct_na_base_pair_step.x_displacement 
_ndb_struct_na_base_pair_step.y_displacement 
_ndb_struct_na_base_pair_step.helical_rise 
_ndb_struct_na_base_pair_step.inclination 
_ndb_struct_na_base_pair_step.tip 
_ndb_struct_na_base_pair_step.helical_twist 
_ndb_struct_na_base_pair_step.step_number 
_ndb_struct_na_base_pair_step.step_name 
_ndb_struct_na_base_pair_step.i_auth_asym_id_1 
_ndb_struct_na_base_pair_step.i_auth_seq_id_1 
_ndb_struct_na_base_pair_step.i_PDB_ins_code_1 
_ndb_struct_na_base_pair_step.j_auth_asym_id_1 
_ndb_struct_na_base_pair_step.j_auth_seq_id_1 
_ndb_struct_na_base_pair_step.j_PDB_ins_code_1 
_ndb_struct_na_base_pair_step.i_auth_asym_id_2 
_ndb_struct_na_base_pair_step.i_auth_seq_id_2 
_ndb_struct_na_base_pair_step.i_PDB_ins_code_2 
_ndb_struct_na_base_pair_step.j_auth_asym_id_2 
_ndb_struct_na_base_pair_step.j_auth_seq_id_2 
_ndb_struct_na_base_pair_step.j_PDB_ins_code_2 
1 A DC 4 1_555 A DC 4 4_555 A DG 5  1_555 A DG 5  4_555 0.000 0.363  2.926 0.000 0.000 -59.991  0.013   0.619   2.860 6.322   
10.456  -59.991  1 AA_DC4DG5:DG5DC4_AA   A 4 ? A 4 ? A 5  ? A 5  ? 
1 A DG 5 1_555 A DG 5 4_555 A DG 6  1_555 A DG 6  4_555 0.000 -1.185 6.945 0.000 0.000 -8.130   -32.691 -33.034 1.652 -57.333 
-50.253 -8.130   2 AA_DG5DG6:DG6DG5_AA   A 5 ? A 5 ? A 6  ? A 6  ? 
1 A DG 6 1_555 A DG 6 4_555 A DA 7  1_555 A DA 7  4_555 0.000 -1.482 4.382 0.000 0.000 -74.621  -0.139  1.296   3.967 13.022  
21.527  -74.621  3 AA_DG6DA7:DA7DG6_AA   A 6 ? A 6 ? A 7  ? A 7  ? 
1 A DA 7 1_555 A DA 7 4_555 A DT 8  1_555 A DT 8  4_555 0.000 -1.950 2.994 0.000 0.000 119.621  0.098   -0.801  2.649 -25.540 
10.949  119.621  4 AA_DA7DT8:DT8DA7_AA   A 7 ? A 7 ? A 8  ? A 8  ? 
1 A DT 8 1_555 A DT 8 4_555 A DG 9  1_555 A DG 9  4_555 0.000 -2.935 3.256 0.000 0.000 -172.344 -0.006  0.445   2.958 24.616  
1.996   -172.344 5 AA_DT8DG9:DG9DT8_AA   A 8 ? A 8 ? A 9  ? A 9  ? 
1 A DG 9 1_555 A DG 9 4_555 A DA 10 1_555 A DA 10 4_555 0.000 0.000  4.754 0.000 0.000 -7.793   0.000   0.000   4.754 0.000   
0.000   -7.793   6 AA_DG9DA10:DA10DG9_AA A 9 ? A 9 ? A 10 ? A 10 ? 
# 
_atom_sites.entry_id                    4RIM 
_atom_sites.fract_transf_matrix[1][1]   -0.00418539 
_atom_sites.fract_transf_matrix[1][2]   0.00293778 
_atom_sites.fract_transf_matrix[1][3]   -0.04533469 
_atom_sites.fract_transf_matrix[2][1]   0.00371993 
_atom_sites.fract_transf_matrix[2][2]   0.04049800 
_atom_sites.fract_transf_matrix[2][3]   -0.02067465 
_atom_sites.fract_transf_matrix[3][1]   0.00586777 
_atom_sites.fract_transf_matrix[3][2]   -0.00084344 
_atom_sites.fract_transf_matrix[3][3]   -0.00059638 
_atom_sites.fract_transf_vector[1]      -0.001096 
_atom_sites.fract_transf_vector[2]      -0.068016 
_atom_sites.fract_transf_vector[3]      -0.107856 
# 
loop_
_atom_type.symbol 
C 
N 
O 
P 
# 
loop_
_atom_site.group_PDB 
_atom_site.id 
_atom_site.type_symbol 
_atom_site.label_atom_id 
_atom_site.label_alt_id 
_atom_site.label_comp_id 
_atom_site.label_asym_id 
_atom_site.label_entity_id 
_atom_site.label_seq_id 
_atom_site.pdbx_PDB_ins_code 
_atom_site.Cartn_x 
_atom_site.Cartn_y 
_atom_site.Cartn_z 
_atom_site.occupancy 
_atom_site.B_iso_or_equiv 
_atom_site.pdbx_formal_charge 
_atom_site.auth_seq_id 
_atom_site.auth_comp_id 
_atom_site.auth_asym_id 
_atom_site.auth_atom_id 
_atom_site.pdbx_PDB_model_num 
ATOM 1   O "O5'" . DA A 1 1  ? -16.023 -3.210 3.711   1.00 66.29 ? 1  DA A "O5'" 1 
ATOM 2   C "C5'" . DA A 1 1  ? -16.690 -1.951 3.915   1.00 63.80 ? 1  DA A "C5'" 1 
ATOM 3   C "C4'" . DA A 1 1  ? -16.511 -1.455 5.332   1.00 63.44 ? 1  DA A "C4'" 1 
ATOM 4   O "O4'" . DA A 1 1  ? -16.274 -0.033 5.280   1.00 58.45 ? 1  DA A "O4'" 1 
ATOM 5   C "C3'" . DA A 1 1  ? -17.714 -1.626 6.257   1.00 66.10 ? 1  DA A "C3'" 1 
ATOM 6   O "O3'" . DA A 1 1  ? -17.270 -1.722 7.623   1.00 74.73 ? 1  DA A "O3'" 1 
ATOM 7   C "C2'" . DA A 1 1  ? -18.471 -0.325 6.060   1.00 61.49 ? 1  DA A "C2'" 1 
ATOM 8   C "C1'" . DA A 1 1  ? -17.337 0.674  5.897   1.00 56.77 ? 1  DA A "C1'" 1 
ATOM 9   N N9    . DA A 1 1  ? -17.642 1.813  5.044   1.00 51.18 ? 1  DA A N9    1 
ATOM 10  C C8    . DA A 1 1  ? -17.845 1.794  3.686   1.00 49.28 ? 1  DA A C8    1 
ATOM 11  N N7    . DA A 1 1  ? -18.042 2.980  3.164   1.00 47.19 ? 1  DA A N7    1 
ATOM 12  C C5    . DA A 1 1  ? -17.946 3.841  4.249   1.00 46.60 ? 1  DA A C5    1 
ATOM 13  C C6    . DA A 1 1  ? -18.064 5.234  4.362   1.00 45.81 ? 1  DA A C6    1 
ATOM 14  N N6    . DA A 1 1  ? -18.298 6.045  3.330   1.00 45.72 ? 1  DA A N6    1 
ATOM 15  N N1    . DA A 1 1  ? -17.912 5.780  5.586   1.00 47.41 ? 1  DA A N1    1 
ATOM 16  C C2    . DA A 1 1  ? -17.650 4.970  6.621   1.00 48.06 ? 1  DA A C2    1 
ATOM 17  N N3    . DA A 1 1  ? -17.504 3.649  6.639   1.00 48.67 ? 1  DA A N3    1 
ATOM 18  C C4    . DA A 1 1  ? -17.679 3.137  5.409   1.00 47.97 ? 1  DA A C4    1 
ATOM 19  P P     . DC A 1 2  ? -18.039 -2.672 8.697   1.00 83.56 ? 2  DC A P     1 
ATOM 20  O OP1   . DC A 1 2  ? -18.866 -3.658 7.948   1.00 83.89 ? 2  DC A OP1   1 
ATOM 21  O OP2   . DC A 1 2  ? -18.712 -1.790 9.705   1.00 83.82 ? 2  DC A OP2   1 
ATOM 22  O "O5'" . DC A 1 2  ? -16.826 -3.427 9.410   1.00 86.72 ? 2  DC A "O5'" 1 
ATOM 23  C "C5'" . DC A 1 2  ? -16.606 -4.850 9.273   1.00 90.84 ? 2  DC A "C5'" 1 
ATOM 24  C "C4'" . DC A 1 2  ? -15.278 -5.097 8.599   1.00 90.99 ? 2  DC A "C4'" 1 
ATOM 25  O "O4'" . DC A 1 2  ? -14.255 -4.296 9.243   1.00 92.12 ? 2  DC A "O4'" 1 
ATOM 26  C "C3'" . DC A 1 2  ? -14.778 -6.538 8.695   1.00 93.96 ? 2  DC A "C3'" 1 
ATOM 27  O "O3'" . DC A 1 2  ? -13.951 -6.899 7.574   1.00 89.57 ? 2  DC A "O3'" 1 
ATOM 28  C "C2'" . DC A 1 2  ? -13.987 -6.525 9.991   1.00 96.91 ? 2  DC A "C2'" 1 
ATOM 29  C "C1'" . DC A 1 2  ? -13.365 -5.133 9.978   1.00 94.32 ? 2  DC A "C1'" 1 
ATOM 30  P P     . DT A 1 3  ? -14.610 -7.198 6.124   1.00 84.98 ? 3  DT A P     1 
ATOM 31  O OP1   . DT A 1 3  ? -16.099 -7.222 6.259   1.00 85.31 ? 3  DT A OP1   1 
ATOM 32  O OP2   . DT A 1 3  ? -13.879 -8.340 5.514   1.00 87.14 ? 3  DT A OP2   1 
ATOM 33  O "O5'" . DT A 1 3  ? -14.241 -5.898 5.281   1.00 78.79 ? 3  DT A "O5'" 1 
ATOM 34  C "C5'" . DT A 1 3  ? -13.250 -4.981 5.754   1.00 72.09 ? 3  DT A "C5'" 1 
ATOM 35  C "C4'" . DT A 1 3  ? -12.568 -4.332 4.580   1.00 66.93 ? 3  DT A "C4'" 1 
ATOM 36  O "O4'" . DT A 1 3  ? -12.434 -2.930 4.882   1.00 65.13 ? 3  DT A "O4'" 1 
ATOM 37  C "C3'" . DT A 1 3  ? -11.146 -4.836 4.359   1.00 65.10 ? 3  DT A "C3'" 1 
ATOM 38  O "O3'" . DT A 1 3  ? -10.759 -4.587 3.019   1.00 56.70 ? 3  DT A "O3'" 1 
ATOM 39  C "C2'" . DT A 1 3  ? -10.342 -3.976 5.308   1.00 65.96 ? 3  DT A "C2'" 1 
ATOM 40  C "C1'" . DT A 1 3  ? -11.095 -2.652 5.273   1.00 66.05 ? 3  DT A "C1'" 1 
ATOM 41  N N1    . DT A 1 3  ? -11.131 -1.881 6.539   1.00 69.25 ? 3  DT A N1    1 
ATOM 42  C C2    . DT A 1 3  ? -11.001 -0.513 6.435   1.00 68.83 ? 3  DT A C2    1 
ATOM 43  O O2    . DT A 1 3  ? -10.880 0.062  5.366   1.00 62.55 ? 3  DT A O2    1 
ATOM 44  N N3    . DT A 1 3  ? -11.025 0.162  7.634   1.00 70.32 ? 3  DT A N3    1 
ATOM 45  C C4    . DT A 1 3  ? -11.146 -0.390 8.898   1.00 74.13 ? 3  DT A C4    1 
ATOM 46  O O4    . DT A 1 3  ? -11.140 0.340  9.887   1.00 76.53 ? 3  DT A O4    1 
ATOM 47  C C5    . DT A 1 3  ? -11.269 -1.833 8.934   1.00 75.53 ? 3  DT A C5    1 
ATOM 48  C C7    . DT A 1 3  ? -11.413 -2.515 10.257  1.00 79.19 ? 3  DT A C7    1 
ATOM 49  C C6    . DT A 1 3  ? -11.263 -2.496 7.769   1.00 73.74 ? 3  DT A C6    1 
ATOM 50  P P     . DC A 1 4  ? -9.661  -5.476 2.307   1.00 54.35 ? 4  DC A P     1 
ATOM 51  O OP1   . DC A 1 4  ? -10.247 -6.797 1.942   1.00 58.22 ? 4  DC A OP1   1 
ATOM 52  O OP2   . DC A 1 4  ? -8.385  -5.383 3.070   1.00 54.35 ? 4  DC A OP2   1 
ATOM 53  O "O5'" . DC A 1 4  ? -9.433  -4.672 0.962   1.00 49.68 ? 4  DC A "O5'" 1 
ATOM 54  C "C5'" . DC A 1 4  ? -10.507 -4.434 0.068   1.00 45.35 ? 4  DC A "C5'" 1 
ATOM 55  C "C4'" . DC A 1 4  ? -10.056 -3.443 -0.975  1.00 42.03 ? 4  DC A "C4'" 1 
ATOM 56  O "O4'" . DC A 1 4  ? -9.993  -2.115 -0.413  1.00 37.63 ? 4  DC A "O4'" 1 
ATOM 57  C "C3'" . DC A 1 4  ? -8.668  -3.717 -1.545  1.00 41.73 ? 4  DC A "C3'" 1 
ATOM 58  O "O3'" . DC A 1 4  ? -8.832  -3.452 -2.930  1.00 43.36 ? 4  DC A "O3'" 1 
ATOM 59  C "C2'" . DC A 1 4  ? -7.783  -2.720 -0.811  1.00 39.20 ? 4  DC A "C2'" 1 
ATOM 60  C "C1'" . DC A 1 4  ? -8.729  -1.553 -0.656  1.00 37.04 ? 4  DC A "C1'" 1 
ATOM 61  N N1    . DC A 1 4  ? -8.446  -0.630 0.440   1.00 36.03 ? 4  DC A N1    1 
ATOM 62  C C2    . DC A 1 4  ? -8.239  0.728  0.156   1.00 34.41 ? 4  DC A C2    1 
ATOM 63  O O2    . DC A 1 4  ? -8.277  1.112  -1.023  1.00 35.48 ? 4  DC A O2    1 
ATOM 64  N N3    . DC A 1 4  ? -8.002  1.584  1.167   1.00 32.70 ? 4  DC A N3    1 
ATOM 65  C C4    . DC A 1 4  ? -7.955  1.138  2.420   1.00 34.24 ? 4  DC A C4    1 
ATOM 66  N N4    . DC A 1 4  ? -7.726  2.026  3.385   1.00 32.80 ? 4  DC A N4    1 
ATOM 67  C C5    . DC A 1 4  ? -8.150  -0.241 2.740   1.00 34.82 ? 4  DC A C5    1 
ATOM 68  C C6    . DC A 1 4  ? -8.388  -1.081 1.729   1.00 35.13 ? 4  DC A C6    1 
ATOM 69  P P     . DG A 1 5  ? -7.683  -3.785 -3.958  1.00 46.00 ? 5  DG A P     1 
ATOM 70  O OP1   . DG A 1 5  ? -8.233  -3.492 -5.303  1.00 48.03 ? 5  DG A OP1   1 
ATOM 71  O OP2   . DG A 1 5  ? -7.175  -5.155 -3.661  1.00 45.92 ? 5  DG A OP2   1 
ATOM 72  O "O5'" . DG A 1 5  ? -6.532  -2.758 -3.546  1.00 44.40 ? 5  DG A "O5'" 1 
ATOM 73  C "C5'" . DG A 1 5  ? -6.527  -1.365 -3.901  1.00 43.67 ? 5  DG A "C5'" 1 
ATOM 74  C "C4'" . DG A 1 5  ? -5.288  -0.734 -3.316  1.00 43.95 ? 5  DG A "C4'" 1 
ATOM 75  O "O4'" . DG A 1 5  ? -5.392  -0.719 -1.869  1.00 43.11 ? 5  DG A "O4'" 1 
ATOM 76  C "C3'" . DG A 1 5  ? -3.990  -1.493 -3.633  1.00 45.70 ? 5  DG A "C3'" 1 
ATOM 77  O "O3'" . DG A 1 5  ? -2.969  -0.571 -4.013  1.00 49.29 ? 5  DG A "O3'" 1 
ATOM 78  C "C2'" . DG A 1 5  ? -3.677  -2.204 -2.329  1.00 43.94 ? 5  DG A "C2'" 1 
ATOM 79  C "C1'" . DG A 1 5  ? -4.174  -1.184 -1.342  1.00 42.14 ? 5  DG A "C1'" 1 
ATOM 80  N N9    . DG A 1 5  ? -4.409  -1.618 0.025   1.00 41.09 ? 5  DG A N9    1 
ATOM 81  C C8    . DG A 1 5  ? -4.585  -2.892 0.510   1.00 41.31 ? 5  DG A C8    1 
ATOM 82  N N7    . DG A 1 5  ? -4.770  -2.924 1.803   1.00 41.64 ? 5  DG A N7    1 
ATOM 83  C C5    . DG A 1 5  ? -4.705  -1.593 2.191   1.00 41.01 ? 5  DG A C5    1 
ATOM 84  C C6    . DG A 1 5  ? -4.826  -0.998 3.475   1.00 42.08 ? 5  DG A C6    1 
ATOM 85  O O6    . DG A 1 5  ? -4.997  -1.545 4.568   1.00 45.06 ? 5  DG A O6    1 
ATOM 86  N N1    . DG A 1 5  ? -4.703  0.389  3.410   1.00 40.34 ? 5  DG A N1    1 
ATOM 87  C C2    . DG A 1 5  ? -4.514  1.108  2.258   1.00 39.18 ? 5  DG A C2    1 
ATOM 88  N N2    . DG A 1 5  ? -4.432  2.444  2.394   1.00 40.46 ? 5  DG A N2    1 
ATOM 89  N N3    . DG A 1 5  ? -4.409  0.564  1.060   1.00 39.03 ? 5  DG A N3    1 
ATOM 90  C C4    . DG A 1 5  ? -4.492  -0.777 1.103   1.00 39.62 ? 5  DG A C4    1 
ATOM 91  P P     . DG A 1 6  ? -1.598  -1.105 -4.749  1.00 53.25 ? 6  DG A P     1 
ATOM 92  O OP1   . DG A 1 6  ? -0.771  0.084  -5.085  1.00 53.53 ? 6  DG A OP1   1 
ATOM 93  O OP2   . DG A 1 6  ? -1.967  -2.128 -5.783  1.00 52.95 ? 6  DG A OP2   1 
ATOM 94  O "O5'" . DG A 1 6  ? -0.841  -1.881 -3.596  1.00 52.78 ? 6  DG A "O5'" 1 
ATOM 95  C "C5'" . DG A 1 6  ? 0.202   -2.792 -3.914  1.00 54.92 ? 6  DG A "C5'" 1 
ATOM 96  C "C4'" . DG A 1 6  ? 1.510   -2.179 -3.482  1.00 54.86 ? 6  DG A "C4'" 1 
ATOM 97  O "O4'" . DG A 1 6  ? 1.436   -1.873 -2.069  1.00 52.23 ? 6  DG A "O4'" 1 
ATOM 98  C "C3'" . DG A 1 6  ? 2.726   -3.094 -3.668  1.00 55.85 ? 6  DG A "C3'" 1 
ATOM 99  O "O3'" . DG A 1 6  ? 3.813   -2.396 -4.294  1.00 59.41 ? 6  DG A "O3'" 1 
ATOM 100 C "C2'" . DG A 1 6  ? 3.031   -3.563 -2.261  1.00 53.70 ? 6  DG A "C2'" 1 
ATOM 101 C "C1'" . DG A 1 6  ? 2.621   -2.352 -1.468  1.00 51.66 ? 6  DG A "C1'" 1 
ATOM 102 N N9    . DG A 1 6  ? 2.356   -2.567 -0.059  1.00 48.42 ? 6  DG A N9    1 
ATOM 103 C C8    . DG A 1 6  ? 2.155   -3.749 0.614   1.00 49.10 ? 6  DG A C8    1 
ATOM 104 N N7    . DG A 1 6  ? 2.014   -3.584 1.900   1.00 49.37 ? 6  DG A N7    1 
ATOM 105 C C5    . DG A 1 6  ? 2.138   -2.216 2.085   1.00 48.05 ? 6  DG A C5    1 
ATOM 106 C C6    . DG A 1 6  ? 2.062   -1.438 3.264   1.00 49.15 ? 6  DG A C6    1 
ATOM 107 O O6    . DG A 1 6  ? 1.863   -1.817 4.429   1.00 51.30 ? 6  DG A O6    1 
ATOM 108 N N1    . DG A 1 6  ? 2.226   -0.080 2.992   1.00 47.48 ? 6  DG A N1    1 
ATOM 109 C C2    . DG A 1 6  ? 2.457   0.453  1.746   1.00 46.44 ? 6  DG A C2    1 
ATOM 110 N N2    . DG A 1 6  ? 2.604   1.783  1.679   1.00 47.43 ? 6  DG A N2    1 
ATOM 111 N N3    . DG A 1 6  ? 2.533   -0.265 0.643   1.00 47.17 ? 6  DG A N3    1 
ATOM 112 C C4    . DG A 1 6  ? 2.363   -1.580 0.884   1.00 47.35 ? 6  DG A C4    1 
ATOM 113 P P     . DA A 1 7  ? 4.793   -3.175 -5.336  1.00 65.22 ? 7  DA A P     1 
ATOM 114 O OP1   . DA A 1 7  ? 3.965   -4.119 -6.149  1.00 64.77 ? 7  DA A OP1   1 
ATOM 115 O OP2   . DA A 1 7  ? 5.971   -3.701 -4.561  1.00 66.64 ? 7  DA A OP2   1 
ATOM 116 O "O5'" . DA A 1 7  ? 5.224   -1.997 -6.329  1.00 65.76 ? 7  DA A "O5'" 1 
ATOM 117 C "C5'" . DA A 1 7  ? 4.288   -1.415 -7.275  1.00 64.86 ? 7  DA A "C5'" 1 
ATOM 118 C "C4'" . DA A 1 7  ? 4.332   0.099  -7.260  1.00 63.02 ? 7  DA A "C4'" 1 
ATOM 119 O "O4'" . DA A 1 7  ? 3.912   0.591  -5.976  1.00 58.68 ? 7  DA A "O4'" 1 
ATOM 120 C "C3'" . DA A 1 7  ? 5.692   0.752  -7.479  1.00 63.57 ? 7  DA A "C3'" 1 
ATOM 121 O "O3'" . DA A 1 7  ? 5.989   0.983  -8.853  1.00 67.71 ? 7  DA A "O3'" 1 
ATOM 122 C "C2'" . DA A 1 7  ? 5.516   2.108  -6.826  1.00 61.44 ? 7  DA A "C2'" 1 
ATOM 123 C "C1'" . DA A 1 7  ? 4.534   1.846  -5.711  1.00 56.67 ? 7  DA A "C1'" 1 
ATOM 124 N N9    . DA A 1 7  ? 5.122   1.787  -4.374  1.00 54.05 ? 7  DA A N9    1 
ATOM 125 C C8    . DA A 1 7  ? 5.301   0.698  -3.556  1.00 52.07 ? 7  DA A C8    1 
ATOM 126 N N7    . DA A 1 7  ? 5.784   0.999  -2.376  1.00 51.44 ? 7  DA A N7    1 
ATOM 127 C C5    . DA A 1 7  ? 5.938   2.376  -2.420  1.00 50.58 ? 7  DA A C5    1 
ATOM 128 C C6    . DA A 1 7  ? 6.420   3.302  -1.483  1.00 51.22 ? 7  DA A C6    1 
ATOM 129 N N6    . DA A 1 7  ? 6.850   2.966  -0.266  1.00 52.32 ? 7  DA A N6    1 
ATOM 130 N N1    . DA A 1 7  ? 6.426   4.607  -1.834  1.00 52.05 ? 7  DA A N1    1 
ATOM 131 C C2    . DA A 1 7  ? 6.001   4.942  -3.061  1.00 52.92 ? 7  DA A C2    1 
ATOM 132 N N3    . DA A 1 7  ? 5.547   4.157  -4.039  1.00 51.46 ? 7  DA A N3    1 
ATOM 133 C C4    . DA A 1 7  ? 5.534   2.874  -3.646  1.00 51.61 ? 7  DA A C4    1 
ATOM 134 P P     . DT A 1 8  ? 7.512   0.869  -9.356  1.00 74.60 ? 8  DT A P     1 
ATOM 135 O OP1   . DT A 1 8  ? 7.547   1.157  -10.817 1.00 77.34 ? 8  DT A OP1   1 
ATOM 136 O OP2   . DT A 1 8  ? 8.074   -0.416 -8.837  1.00 73.67 ? 8  DT A OP2   1 
ATOM 137 O "O5'" . DT A 1 8  ? 8.256   2.017  -8.536  1.00 71.07 ? 8  DT A "O5'" 1 
ATOM 138 C "C5'" . DT A 1 8  ? 7.894   3.406  -8.643  1.00 69.16 ? 8  DT A "C5'" 1 
ATOM 139 C "C4'" . DT A 1 8  ? 8.569   4.176  -7.532  1.00 67.17 ? 8  DT A "C4'" 1 
ATOM 140 O "O4'" . DT A 1 8  ? 8.245   3.610  -6.228  1.00 63.24 ? 8  DT A "O4'" 1 
ATOM 141 C "C3'" . DT A 1 8  ? 10.097  4.160  -7.624  1.00 67.14 ? 8  DT A "C3'" 1 
ATOM 142 O "O3'" . DT A 1 8  ? 10.570  5.453  -7.239  1.00 70.37 ? 8  DT A "O3'" 1 
ATOM 143 C "C2'" . DT A 1 8  ? 10.481  3.083  -6.628  1.00 64.74 ? 8  DT A "C2'" 1 
ATOM 144 C "C1'" . DT A 1 8  ? 9.461   3.356  -5.534  1.00 61.96 ? 8  DT A "C1'" 1 
ATOM 145 N N1    . DT A 1 8  ? 9.250   2.236  -4.598  1.00 56.92 ? 8  DT A N1    1 
ATOM 146 C C2    . DT A 1 8  ? 9.420   2.455  -3.250  1.00 53.87 ? 8  DT A C2    1 
ATOM 147 O O2    . DT A 1 8  ? 9.705   3.543  -2.779  1.00 54.02 ? 8  DT A O2    1 
ATOM 148 N N3    . DT A 1 8  ? 9.238   1.346  -2.467  1.00 52.02 ? 8  DT A N3    1 
ATOM 149 C C4    . DT A 1 8  ? 8.926   0.069  -2.889  1.00 53.07 ? 8  DT A C4    1 
ATOM 150 O O4    . DT A 1 8  ? 8.791   -0.831 -2.066  1.00 55.55 ? 8  DT A O4    1 
ATOM 151 C C5    . DT A 1 8  ? 8.798   -0.096 -4.315  1.00 53.75 ? 8  DT A C5    1 
ATOM 152 C C7    . DT A 1 8  ? 8.450   -1.443 -4.864  1.00 54.37 ? 8  DT A C7    1 
ATOM 153 C C6    . DT A 1 8  ? 8.966   0.981  -5.088  1.00 55.86 ? 8  DT A C6    1 
ATOM 154 P P     . DG A 1 9  ? 12.134  5.783  -7.204  1.00 73.30 ? 9  DG A P     1 
ATOM 155 O OP1   . DG A 1 9  ? 12.274  7.242  -6.979  1.00 75.40 ? 9  DG A OP1   1 
ATOM 156 O OP2   . DG A 1 9  ? 12.782  5.142  -8.393  1.00 74.88 ? 9  DG A OP2   1 
ATOM 157 O "O5'" . DG A 1 9  ? 12.610  5.045  -5.877  1.00 71.32 ? 9  DG A "O5'" 1 
ATOM 158 C "C5'" . DG A 1 9  ? 12.329  5.540  -4.550  1.00 66.93 ? 9  DG A "C5'" 1 
ATOM 159 C "C4'" . DG A 1 9  ? 13.128  4.721  -3.564  1.00 65.69 ? 9  DG A "C4'" 1 
ATOM 160 O "O4'" . DG A 1 9  ? 12.727  3.332  -3.640  1.00 62.72 ? 9  DG A "O4'" 1 
ATOM 161 C "C3'" . DG A 1 9  ? 14.635  4.739  -3.837  1.00 66.03 ? 9  DG A "C3'" 1 
ATOM 162 O "O3'" . DG A 1 9  ? 15.389  4.858  -2.630  1.00 69.38 ? 9  DG A "O3'" 1 
ATOM 163 C "C2'" . DG A 1 9  ? 14.896  3.410  -4.515  1.00 64.31 ? 9  DG A "C2'" 1 
ATOM 164 C "C1'" . DG A 1 9  ? 13.857  2.507  -3.883  1.00 61.18 ? 9  DG A "C1'" 1 
ATOM 165 N N9    . DG A 1 9  ? 13.431  1.378  -4.710  1.00 57.86 ? 9  DG A N9    1 
ATOM 166 C C8    . DG A 1 9  ? 13.470  1.297  -6.081  1.00 57.66 ? 9  DG A C8    1 
ATOM 167 N N7    . DG A 1 9  ? 13.020  0.161  -6.539  1.00 58.25 ? 9  DG A N7    1 
ATOM 168 C C5    . DG A 1 9  ? 12.676  -0.557 -5.404  1.00 57.37 ? 9  DG A C5    1 
ATOM 169 C C6    . DG A 1 9  ? 12.145  -1.869 -5.273  1.00 58.81 ? 9  DG A C6    1 
ATOM 170 O O6    . DG A 1 9  ? 11.866  -2.681 -6.167  1.00 61.78 ? 9  DG A O6    1 
ATOM 171 N N1    . DG A 1 9  ? 11.952  -2.213 -3.936  1.00 57.29 ? 9  DG A N1    1 
ATOM 172 C C2    . DG A 1 9  ? 12.217  -1.393 -2.864  1.00 57.47 ? 9  DG A C2    1 
ATOM 173 N N2    . DG A 1 9  ? 11.964  -1.903 -1.647  1.00 57.45 ? 9  DG A N2    1 
ATOM 174 N N3    . DG A 1 9  ? 12.718  -0.168 -2.975  1.00 57.02 ? 9  DG A N3    1 
ATOM 175 C C4    . DG A 1 9  ? 12.926  0.178  -4.265  1.00 56.44 ? 9  DG A C4    1 
ATOM 176 P P     . DA A 1 10 ? 16.507  5.995  -2.505  1.00 74.33 ? 10 DA A P     1 
ATOM 177 O OP1   . DA A 1 10 ? 15.931  7.281  -2.992  1.00 74.29 ? 10 DA A OP1   1 
ATOM 178 O OP2   . DA A 1 10 ? 17.788  5.469  -3.104  1.00 77.00 ? 10 DA A OP2   1 
ATOM 179 O "O5'" . DA A 1 10 ? 16.701  6.112  -0.933  1.00 72.37 ? 10 DA A "O5'" 1 
ATOM 180 C "C5'" . DA A 1 10 ? 15.705  6.702  -0.088  1.00 72.05 ? 10 DA A "C5'" 1 
ATOM 181 C "C4'" . DA A 1 10 ? 15.758  6.005  1.247   1.00 71.70 ? 10 DA A "C4'" 1 
ATOM 182 O "O4'" . DA A 1 10 ? 15.358  4.650  1.006   1.00 67.54 ? 10 DA A "O4'" 1 
ATOM 183 C "C3'" . DA A 1 10 ? 17.171  5.905  1.822   1.00 74.10 ? 10 DA A "C3'" 1 
ATOM 184 O "O3'" . DA A 1 10 ? 17.564  7.015  2.655   1.00 82.86 ? 10 DA A "O3'" 1 
ATOM 185 C "C2'" . DA A 1 10 ? 17.216  4.532  2.472   1.00 71.31 ? 10 DA A "C2'" 1 
ATOM 186 C "C1'" . DA A 1 10 ? 16.040  3.775  1.882   1.00 66.12 ? 10 DA A "C1'" 1 
ATOM 187 N N9    . DA A 1 10 ? 16.295  2.531  1.151   1.00 60.11 ? 10 DA A N9    1 
ATOM 188 C C8    . DA A 1 10 ? 16.097  2.301  -0.190  1.00 57.98 ? 10 DA A C8    1 
ATOM 189 N N7    . DA A 1 10 ? 16.284  1.052  -0.544  1.00 56.50 ? 10 DA A N7    1 
ATOM 190 C C5    . DA A 1 10 ? 16.598  0.413  0.649   1.00 56.75 ? 10 DA A C5    1 
ATOM 191 C C6    . DA A 1 10 ? 16.910  -0.926 0.951   1.00 56.99 ? 10 DA A C6    1 
ATOM 192 N N6    . DA A 1 10 ? 16.964  -1.899 0.038   1.00 58.03 ? 10 DA A N6    1 
ATOM 193 N N1    . DA A 1 10 ? 17.175  -1.234 2.240   1.00 58.21 ? 10 DA A N1    1 
ATOM 194 C C2    . DA A 1 10 ? 17.117  -0.259 3.156   1.00 59.06 ? 10 DA A C2    1 
ATOM 195 N N3    . DA A 1 10 ? 16.836  1.034  2.993   1.00 58.69 ? 10 DA A N3    1 
ATOM 196 C C4    . DA A 1 10 ? 16.585  1.307  1.703   1.00 57.51 ? 10 DA A C4    1 
ATOM 197 P P     . DT A 1 11 ? 16.645  7.555  3.852   1.00 86.86 ? 11 DT A P     1 
ATOM 198 O OP1   . DT A 1 11 ? 15.988  8.802  3.379   1.00 88.22 ? 11 DT A OP1   1 
ATOM 199 O OP2   . DT A 1 11 ? 17.489  7.598  5.080   1.00 88.83 ? 11 DT A OP2   1 
# 
loop_
_atom_site_anisotrop.id 
_atom_site_anisotrop.type_symbol 
_atom_site_anisotrop.pdbx_label_atom_id 
_atom_site_anisotrop.pdbx_label_alt_id 
_atom_site_anisotrop.pdbx_label_comp_id 
_atom_site_anisotrop.pdbx_label_asym_id 
_atom_site_anisotrop.pdbx_label_seq_id 
_atom_site_anisotrop.pdbx_PDB_ins_code 
_atom_site_anisotrop.U[1][1] 
_atom_site_anisotrop.U[2][2] 
_atom_site_anisotrop.U[3][3] 
_atom_site_anisotrop.U[1][2] 
_atom_site_anisotrop.U[1][3] 
_atom_site_anisotrop.U[2][3] 
_atom_site_anisotrop.pdbx_auth_seq_id 
_atom_site_anisotrop.pdbx_auth_comp_id 
_atom_site_anisotrop.pdbx_auth_asym_id 
_atom_site_anisotrop.pdbx_auth_atom_id 
1   O "O5'" . DA A 1  ? 0.8461 0.8204 0.8524 -0.0562 0.0421  0.0508  1  DA A "O5'" 
2   C "C5'" . DA A 1  ? 0.8124 0.8063 0.8055 -0.0570 0.0384  0.0405  1  DA A "C5'" 
3   C "C4'" . DA A 1  ? 0.8036 0.8225 0.7845 -0.0557 0.0400  0.0502  1  DA A "C4'" 
4   O "O4'" . DA A 1  ? 0.7378 0.7700 0.7131 -0.0515 0.0342  0.0343  1  DA A "O4'" 
5   C "C3'" . DA A 1  ? 0.8290 0.8694 0.8132 -0.0634 0.0472  0.0551  1  DA A "C3'" 
6   O "O3'" . DA A 1  ? 0.9315 1.0033 0.9045 -0.0617 0.0505  0.0719  1  DA A "O3'" 
7   C "C2'" . DA A 1  ? 0.7657 0.8199 0.7508 -0.0645 0.0433  0.0322  1  DA A "C2'" 
8   C "C1'" . DA A 1  ? 0.7071 0.7630 0.6870 -0.0561 0.0365  0.0236  1  DA A "C1'" 
9   N N9    . DA A 1  ? 0.6330 0.6852 0.6263 -0.0535 0.0316  0.0078  1  DA A N9    
10  C C8    . DA A 1  ? 0.6128 0.6475 0.6121 -0.0519 0.0278  0.0072  1  DA A C8    
11  N N7    . DA A 1  ? 0.5788 0.6196 0.5945 -0.0479 0.0241  0.0003  1  DA A N7    
12  C C5    . DA A 1  ? 0.5620 0.6202 0.5884 -0.0476 0.0265  -0.0100 1  DA A C5    
13  C C6    . DA A 1  ? 0.5374 0.6077 0.5956 -0.0444 0.0262  -0.0229 1  DA A C6    
14  N N6    . DA A 1  ? 0.5296 0.5938 0.6136 -0.0392 0.0234  -0.0182 1  DA A N6    
15  N N1    . DA A 1  ? 0.5460 0.6407 0.6147 -0.0461 0.0297  -0.0407 1  DA A N1    
16  C C2    . DA A 1  ? 0.5576 0.6694 0.5990 -0.0499 0.0323  -0.0395 1  DA A C2    
17  N N3    . DA A 1  ? 0.5789 0.6802 0.5902 -0.0520 0.0330  -0.0194 1  DA A N3    
18  C C4    . DA A 1  ? 0.5812 0.6516 0.5899 -0.0512 0.0304  -0.0077 1  DA A C4    
19  P P     . DC A 2  ? 1.0335 1.1289 1.0125 -0.0682 0.0618  0.0982  2  DC A P     
20  O OP1   . DC A 2  ? 1.0401 1.1021 1.0453 -0.0755 0.0678  0.1023  2  DC A OP1   
21  O OP2   . DC A 2  ? 1.0244 1.1688 0.9915 -0.0715 0.0636  0.0866  2  DC A OP2   
22  O "O5'" . DC A 2  ? 1.0710 1.1781 1.0460 -0.0608 0.0630  0.1306  2  DC A "O5'" 
23  C "C5'" . DC A 2  ? 1.1230 1.2044 1.1243 -0.0606 0.0701  0.1619  2  DC A "C5'" 
24  C "C4'" . DC A 2  ? 1.1332 1.1855 1.1386 -0.0517 0.0637  0.1618  2  DC A "C4'" 
25  O "O4'" . DC A 2  ? 1.1455 1.2316 1.1230 -0.0432 0.0559  0.1605  2  DC A "O4'" 
26  C "C3'" . DC A 2  ? 1.1655 1.1985 1.2060 -0.0486 0.0713  0.1973  2  DC A "C3'" 
27  O "O3'" . DC A 2  ? 1.1178 1.1095 1.1759 -0.0443 0.0675  0.1827  2  DC A "O3'" 
28  C "C2'" . DC A 2  ? 1.1925 1.2738 1.2160 -0.0399 0.0705  0.2310  2  DC A "C2'" 
29  C "C1'" . DC A 2  ? 1.1656 1.2685 1.1497 -0.0355 0.0582  0.1981  2  DC A "C1'" 
30  P P     . DT A 3  ? 1.0643 1.0166 1.1479 -0.0521 0.0688  0.1486  3  DT A P     
31  O OP1   . DT A 3  ? 1.0637 1.0226 1.1554 -0.0632 0.0753  0.1433  3  DT A OP1   
32  O OP2   . DT A 3  ? 1.0876 1.0085 1.2151 -0.0489 0.0732  0.1523  3  DT A OP2   
33  O "O5'" . DT A 3  ? 0.9975 0.9516 1.0446 -0.0490 0.0564  0.1138  3  DT A "O5'" 
34  C "C5'" . DT A 3  ? 0.9166 0.8904 0.9323 -0.0405 0.0483  0.1161  3  DT A "C5'" 
35  C "C4'" . DT A 3  ? 0.8591 0.8186 0.8655 -0.0366 0.0404  0.0903  3  DT A "C4'" 
36  O "O4'" . DT A 3  ? 0.8376 0.8193 0.8177 -0.0342 0.0339  0.0796  3  DT A "O4'" 
37  C "C3'" . DT A 3  ? 0.8372 0.7845 0.8517 -0.0281 0.0386  0.0977  3  DT A "C3'" 
38  O "O3'" . DT A 3  ? 0.7352 0.6687 0.7504 -0.0271 0.0347  0.0732  3  DT A "O3'" 
39  C "C2'" . DT A 3  ? 0.8474 0.8224 0.8366 -0.0213 0.0329  0.1062  3  DT A "C2'" 
40  C "C1'" . DT A 3  ? 0.8493 0.8402 0.8200 -0.0257 0.0295  0.0856  3  DT A "C1'" 
41  N N1    . DT A 3  ? 0.8818 0.9121 0.8373 -0.0250 0.0282  0.0877  3  DT A N1    
42  C C2    . DT A 3  ? 0.8740 0.9173 0.8239 -0.0244 0.0235  0.0646  3  DT A C2    
43  O O2    . DT A 3  ? 0.7994 0.8224 0.7548 -0.0237 0.0208  0.0507  3  DT A O2    
44  N N3    . DT A 3  ? 0.8807 0.9675 0.8238 -0.0244 0.0231  0.0584  3  DT A N3    
45  C C4    . DT A 3  ? 0.9190 1.0450 0.8526 -0.0245 0.0261  0.0762  3  DT A C4    
46  O O4    . DT A 3  ? 0.9348 1.1105 0.8625 -0.0247 0.0252  0.0627  3  DT A O4    
47  C C5    . DT A 3  ? 0.9408 1.0502 0.8788 -0.0241 0.0312  0.1098  3  DT A C5    
48  C C7    . DT A 3  ? 0.9736 1.1292 0.9063 -0.0230 0.0360  0.1407  3  DT A C7    
49  C C6    . DT A 3  ? 0.9299 0.9894 0.8826 -0.0247 0.0324  0.1118  3  DT A C6    
50  P P     . DC A 4  ? 0.7039 0.6189 0.7424 -0.0219 0.0359  0.0696  4  DC A P     
51  O OP1   . DC A 4  ? 0.7446 0.6416 0.8258 -0.0276 0.0445  0.0656  4  DC A OP1   
52  O OP2   . DC A 4  ? 0.7044 0.6257 0.7352 -0.0124 0.0326  0.0883  4  DC A OP2   
53  O "O5'" . DC A 4  ? 0.6479 0.5684 0.6714 -0.0215 0.0305  0.0425  4  DC A "O5'" 
54  C "C5'" . DC A 4  ? 0.5905 0.5194 0.6133 -0.0283 0.0304  0.0231  4  DC A "C5'" 
55  C "C4'" . DC A 4  ? 0.5490 0.4945 0.5533 -0.0247 0.0247  0.0110  4  DC A "C4'" 
56  O "O4'" . DC A 4  ? 0.4972 0.4513 0.4811 -0.0218 0.0205  0.0223  4  DC A "O4'" 
57  C "C3'" . DC A 4  ? 0.5443 0.4880 0.5531 -0.0184 0.0243  0.0060  4  DC A "C3'" 
58  O "O3'" . DC A 4  ? 0.5581 0.5260 0.5632 -0.0196 0.0229  -0.0127 4  DC A "O3'" 
59  C "C2'" . DC A 4  ? 0.5181 0.4624 0.5087 -0.0120 0.0203  0.0221  4  DC A "C2'" 
60  C "C1'" . DC A 4  ? 0.4909 0.4479 0.4685 -0.0150 0.0178  0.0246  4  DC A "C1'" 
61  N N1    . DC A 4  ? 0.4793 0.4400 0.4496 -0.0124 0.0157  0.0345  4  DC A N1    
62  C C2    . DC A 4  ? 0.4550 0.4270 0.4256 -0.0102 0.0136  0.0333  4  DC A C2    
63  O O2    . DC A 4  ? 0.4650 0.4453 0.4379 -0.0093 0.0134  0.0318  4  DC A O2    
64  N N3    . DC A 4  ? 0.4296 0.4093 0.4036 -0.0090 0.0127  0.0337  4  DC A N3    
65  C C4    . DC A 4  ? 0.4494 0.4340 0.4177 -0.0094 0.0127  0.0365  4  DC A C4    
66  N N4    . DC A 4  ? 0.4229 0.4269 0.3962 -0.0087 0.0117  0.0299  4  DC A N4    
67  C C5    . DC A 4  ? 0.4612 0.4368 0.4249 -0.0105 0.0148  0.0465  4  DC A C5    
68  C C6    . DC A 4  ? 0.4687 0.4280 0.4378 -0.0123 0.0168  0.0444  4  DC A C6    
69  P P     . DG A 5  ? 0.5852 0.5661 0.5966 -0.0153 0.0237  -0.0277 5  DG A P     
70  O OP1   . DG A 5  ? 0.5995 0.6211 0.6042 -0.0178 0.0225  -0.0449 5  DG A OP1   
71  O OP2   . DG A 5  ? 0.5807 0.5393 0.6246 -0.0152 0.0290  -0.0362 5  DG A OP2   
72  O "O5'" . DG A 5  ? 0.5719 0.5494 0.5657 -0.0079 0.0206  -0.0082 5  DG A "O5'" 
73  C "C5'" . DG A 5  ? 0.5618 0.5583 0.5391 -0.0056 0.0177  0.0028  5  DG A "C5'" 
74  C "C4'" . DG A 5  ? 0.5693 0.5560 0.5448 0.0003  0.0167  0.0151  5  DG A "C4'" 
75  O "O4'" . DG A 5  ? 0.5650 0.5322 0.5406 0.0002  0.0153  0.0242  5  DG A "O4'" 
76  C "C3'" . DG A 5  ? 0.5897 0.5734 0.5732 0.0045  0.0186  0.0069  5  DG A "C3'" 
77  O "O3'" . DG A 5  ? 0.6320 0.6285 0.6125 0.0089  0.0187  0.0138  5  DG A "O3'" 
78  C "C2'" . DG A 5  ? 0.5734 0.5311 0.5651 0.0066  0.0180  0.0140  5  DG A "C2'" 
79  C "C1'" . DG A 5  ? 0.5543 0.5120 0.5348 0.0055  0.0150  0.0269  5  DG A "C1'" 
80  N N9    . DG A 5  ? 0.5438 0.4924 0.5250 0.0056  0.0142  0.0373  5  DG A N9    
81  C C8    . DG A 5  ? 0.5467 0.4825 0.5405 0.0056  0.0167  0.0439  5  DG A C8    
82  N N7    . DG A 5  ? 0.5504 0.4914 0.5403 0.0065  0.0156  0.0597  5  DG A N7    
83  C C5    . DG A 5  ? 0.5416 0.5002 0.5164 0.0065  0.0119  0.0559  5  DG A C5    
84  C C6    . DG A 5  ? 0.5503 0.5315 0.5168 0.0067  0.0096  0.0609  5  DG A C6    
85  O O6    . DG A 5  ? 0.5841 0.5797 0.5482 0.0079  0.0098  0.0756  5  DG A O6    
86  N N1    . DG A 5  ? 0.5240 0.5181 0.4906 0.0057  0.0077  0.0466  5  DG A N1    
87  C C2    . DG A 5  ? 0.5100 0.4949 0.4839 0.0052  0.0086  0.0381  5  DG A C2    
88  N N2    . DG A 5  ? 0.5178 0.5152 0.5043 0.0045  0.0085  0.0286  5  DG A N2    
89  N N3    . DG A 5  ? 0.5127 0.4832 0.4869 0.0056  0.0103  0.0386  5  DG A N3    
90  C C4    . DG A 5  ? 0.5242 0.4830 0.4982 0.0059  0.0115  0.0436  5  DG A C4    
91  P P     . DG A 6  ? 0.6764 0.6827 0.6642 0.0134  0.0216  0.0034  6  DG A P     
92  O OP1   . DG A 6  ? 0.6752 0.6970 0.6617 0.0165  0.0228  0.0157  6  DG A OP1   
93  O OP2   . DG A 6  ? 0.6644 0.6891 0.6586 0.0104  0.0245  -0.0192 6  DG A OP2   
94  O "O5'" . DG A 6  ? 0.6760 0.6540 0.6752 0.0175  0.0200  0.0049  6  DG A "O5'" 
95  C "C5'" . DG A 6  ? 0.6983 0.6744 0.7139 0.0219  0.0223  -0.0065 6  DG A "C5'" 
96  C "C4'" . DG A 6  ? 0.6974 0.6740 0.7131 0.0279  0.0206  0.0025  6  DG A "C4'" 
97  O "O4'" . DG A 6  ? 0.6696 0.6335 0.6816 0.0298  0.0157  0.0177  6  DG A "O4'" 
98  C "C3'" . DG A 6  ? 0.7040 0.6779 0.7403 0.0340  0.0224  -0.0075 6  DG A "C3'" 
99  O "O3'" . DG A 6  ? 0.7431 0.7364 0.7776 0.0364  0.0244  -0.0103 6  DG A "O3'" 
100 C "C2'" . DG A 6  ? 0.6800 0.6346 0.7258 0.0397  0.0179  0.0081  6  DG A "C2'" 
101 C "C1'" . DG A 6  ? 0.6594 0.6196 0.6839 0.0372  0.0137  0.0211  6  DG A "C1'" 
102 N N9    . DG A 6  ? 0.6202 0.5765 0.6431 0.0398  0.0091  0.0366  6  DG A N9    
103 C C8    . DG A 6  ? 0.6276 0.5734 0.6647 0.0434  0.0090  0.0494  6  DG A C8    
104 N N7    . DG A 6  ? 0.6294 0.5877 0.6586 0.0458  0.0045  0.0666  6  DG A N7    
105 C C5    . DG A 6  ? 0.6125 0.5889 0.6242 0.0430  0.0015  0.0575  6  DG A C5    
106 C C6    . DG A 6  ? 0.6210 0.6244 0.6220 0.0432  -0.0031 0.0604  6  DG A C6    
107 O O6    . DG A 6  ? 0.6430 0.6667 0.6397 0.0463  -0.0063 0.0756  6  DG A O6    
108 N N1    . DG A 6  ? 0.5970 0.6098 0.5974 0.0389  -0.0029 0.0431  6  DG A N1    
109 C C2    . DG A 6  ? 0.5860 0.5856 0.5930 0.0360  0.0015  0.0335  6  DG A C2    
110 N N2    . DG A 6  ? 0.5914 0.6020 0.6089 0.0326  0.0029  0.0231  6  DG A N2    
111 N N3    . DG A 6  ? 0.6003 0.5828 0.6090 0.0364  0.0052  0.0337  6  DG A N3    
112 C C4    . DG A 6  ? 0.6054 0.5767 0.6171 0.0395  0.0048  0.0419  6  DG A C4    
113 P P     . DA A 7  ? 0.8053 0.8148 0.8581 0.0394  0.0298  -0.0317 7  DA A P     
114 O OP1   . DA A 7  ? 0.7932 0.8120 0.8559 0.0348  0.0338  -0.0540 7  DA A OP1   
115 O OP2   . DA A 7  ? 0.8216 0.8155 0.8948 0.0477  0.0274  -0.0288 7  DA A OP2   
116 O "O5'" . DA A 7  ? 0.8054 0.8493 0.8440 0.0372  0.0340  -0.0282 7  DA A "O5'" 
117 C "C5'" . DA A 7  ? 0.7898 0.8628 0.8119 0.0315  0.0368  -0.0254 7  DA A "C5'" 
118 C "C4'" . DA A 7  ? 0.7657 0.8479 0.7809 0.0305  0.0379  0.0004  7  DA A "C4'" 
119 O "O4'" . DA A 7  ? 0.7213 0.7708 0.7375 0.0303  0.0324  0.0124  7  DA A "O4'" 
120 C "C3'" . DA A 7  ? 0.7644 0.8594 0.7916 0.0334  0.0426  0.0073  7  DA A "C3'" 
121 O "O3'" . DA A 7  ? 0.8019 0.9446 0.8263 0.0325  0.0504  0.0091  7  DA A "O3'" 
122 C "C2'" . DA A 7  ? 0.7386 0.8214 0.7745 0.0320  0.0420  0.0297  7  DA A "C2'" 
123 C "C1'" . DA A 7  ? 0.6909 0.7428 0.7195 0.0309  0.0344  0.0272  7  DA A "C1'" 
124 N N9    . DA A 7  ? 0.6626 0.6913 0.6998 0.0338  0.0290  0.0229  7  DA A N9    
125 C C8    . DA A 7  ? 0.6441 0.6561 0.6783 0.0377  0.0233  0.0143  7  DA A C8    
126 N N7    . DA A 7  ? 0.6355 0.6423 0.6768 0.0405  0.0185  0.0157  7  DA A N7    
127 C C5    . DA A 7  ? 0.6168 0.6336 0.6715 0.0372  0.0217  0.0192  7  DA A C5    
128 C C6    . DA A 7  ? 0.6163 0.6395 0.6903 0.0370  0.0198  0.0146  7  DA A C6    
129 N N6    . DA A 7  ? 0.6287 0.6571 0.7021 0.0410  0.0124  0.0071  7  DA A N6    
130 N N1    . DA A 7  ? 0.6157 0.6460 0.7158 0.0325  0.0264  0.0181  7  DA A N1    
131 C C2    . DA A 7  ? 0.6252 0.6593 0.7263 0.0298  0.0337  0.0330  7  DA A C2    
132 N N3    . DA A 7  ? 0.6136 0.6516 0.6899 0.0303  0.0350  0.0390  7  DA A N3    
133 C C4    . DA A 7  ? 0.6262 0.6534 0.6813 0.0335  0.0287  0.0276  7  DA A C4    
134 P P     . DT A 8  ? 0.8778 1.0416 0.9150 0.0357  0.0569  0.0011  8  DT A P     
135 O OP1   . DT A 8  ? 0.8942 1.1205 0.9239 0.0338  0.0656  0.0068  8  DT A OP1   
136 O OP2   . DT A 8  ? 0.8709 1.0104 0.9178 0.0395  0.0529  -0.0263 8  DT A OP2   
137 O "O5'" . DT A 8  ? 0.8341 0.9758 0.8903 0.0367  0.0574  0.0214  8  DT A "O5'" 
138 C "C5'" . DT A 8  ? 0.8036 0.9529 0.8714 0.0338  0.0618  0.0505  8  DT A "C5'" 
139 C "C4'" . DT A 8  ? 0.7789 0.8991 0.8743 0.0341  0.0604  0.0534  8  DT A "C4'" 
140 O "O4'" . DT A 8  ? 0.7436 0.8283 0.8309 0.0358  0.0495  0.0371  8  DT A "O4'" 
141 C "C3'" . DT A 8  ? 0.7693 0.8988 0.8829 0.0365  0.0650  0.0458  8  DT A "C3'" 
142 O "O3'" . DT A 8  ? 0.7989 0.9246 0.9504 0.0341  0.0704  0.0594  8  DT A "O3'" 
143 C "C2'" . DT A 8  ? 0.7505 0.8536 0.8555 0.0412  0.0547  0.0212  8  DT A "C2'" 
144 C "C1'" . DT A 8  ? 0.7257 0.8023 0.8263 0.0397  0.0467  0.0237  8  DT A "C1'" 
145 N N1    . DT A 8  ? 0.6739 0.7292 0.7596 0.0440  0.0366  0.0103  8  DT A N1    
146 C C2    . DT A 8  ? 0.6364 0.6806 0.7297 0.0460  0.0292  0.0066  8  DT A C2    
147 O O2    . DT A 8  ? 0.6293 0.6793 0.7438 0.0434  0.0304  0.0066  8  DT A O2    
148 N N3    . DT A 8  ? 0.6211 0.6532 0.7022 0.0511  0.0210  0.0026  8  DT A N3    
149 C C4    . DT A 8  ? 0.6406 0.6633 0.7125 0.0537  0.0207  -0.0001 8  DT A C4    
150 O O4    . DT A 8  ? 0.6758 0.6872 0.7476 0.0586  0.0146  0.0022  8  DT A O4    
151 C C5    . DT A 8  ? 0.6465 0.6808 0.7151 0.0504  0.0287  -0.0055 8  DT A C5    
152 C C7    . DT A 8  ? 0.6555 0.6859 0.7246 0.0518  0.0300  -0.0183 8  DT A C7    
153 C C6    . DT A 8  ? 0.6658 0.7195 0.7370 0.0461  0.0357  0.0011  8  DT A C6    
154 P P     . DG A 9  ? 0.8225 0.9576 1.0050 0.0349  0.0765  0.0536  9  DG A P     
155 O OP1   . DG A 9  ? 0.8330 0.9666 1.0650 0.0302  0.0847  0.0698  9  DG A OP1   
156 O OP2   . DG A 9  ? 0.8361 1.0048 1.0044 0.0367  0.0834  0.0533  9  DG A OP2   
157 O "O5'" . DG A 9  ? 0.8076 0.9178 0.9845 0.0394  0.0636  0.0255  9  DG A "O5'" 
158 C "C5'" . DG A 9  ? 0.7534 0.8452 0.9444 0.0385  0.0560  0.0165  9  DG A "C5'" 
159 C "C4'" . DG A 9  ? 0.7407 0.8292 0.9259 0.0450  0.0454  -0.0045 9  DG A "C4'" 
160 O "O4'" . DG A 9  ? 0.7179 0.7967 0.8684 0.0505  0.0386  -0.0068 9  DG A "O4'" 
161 C "C3'" . DG A 9  ? 0.7318 0.8366 0.9403 0.0476  0.0498  -0.0125 9  DG A "C3'" 
162 O "O3'" . DG A 9  ? 0.7661 0.8770 0.9930 0.0510  0.0415  -0.0304 9  DG A "O3'" 
163 C "C2'" . DG A 9  ? 0.7180 0.8246 0.9010 0.0535  0.0487  -0.0156 9  DG A "C2'" 
164 C "C1'" . DG A 9  ? 0.6945 0.7811 0.8489 0.0568  0.0382  -0.0166 9  DG A "C1'" 
165 N N9    . DG A 9  ? 0.6600 0.7439 0.7946 0.0588  0.0398  -0.0186 9  DG A N9    
166 C C8    . DG A 9  ? 0.6519 0.7562 0.7826 0.0557  0.0499  -0.0189 9  DG A C8    
167 N N7    . DG A 9  ? 0.6638 0.7670 0.7825 0.0578  0.0491  -0.0300 9  DG A N7    
168 C C5    . DG A 9  ? 0.6624 0.7371 0.7801 0.0626  0.0387  -0.0315 9  DG A C5    
169 C C6    . DG A 9  ? 0.6858 0.7445 0.8041 0.0663  0.0351  -0.0400 9  DG A C6    
170 O O6    . DG A 9  ? 0.7195 0.7863 0.8416 0.0652  0.0401  -0.0558 9  DG A O6    
171 N N1    . DG A 9  ? 0.6731 0.7098 0.7937 0.0715  0.0255  -0.0296 9  DG A N1    
172 C C2    . DG A 9  ? 0.6757 0.7141 0.7937 0.0728  0.0191  -0.0188 9  DG A C2    
173 N N2    . DG A 9  ? 0.6784 0.7081 0.7962 0.0785  0.0102  -0.0083 9  DG A N2    
174 N N3    . DG A 9  ? 0.6641 0.7173 0.7854 0.0686  0.0222  -0.0191 9  DG A N3    
175 C C4    . DG A 9  ? 0.6516 0.7185 0.7745 0.0638  0.0325  -0.0230 9  DG A C4    
176 P P     . DA A 10 ? 0.8055 0.9345 1.0840 0.0467  0.0488  -0.0409 10 DA A P     
177 O OP1   . DA A 10 ? 0.7955 0.9210 1.1062 0.0372  0.0613  -0.0274 10 DA A OP1   
178 O OP2   . DA A 10 ? 0.8331 0.9753 1.1174 0.0511  0.0524  -0.0446 10 DA A OP2   
179 O "O5'" . DA A 10 ? 0.7727 0.9152 1.0615 0.0494  0.0359  -0.0646 10 DA A "O5'" 
180 C "C5'" . DA A 10 ? 0.7677 0.9098 1.0601 0.0451  0.0319  -0.0717 10 DA A "C5'" 
181 C "C4'" . DA A 10 ? 0.7637 0.9265 1.0340 0.0527  0.0158  -0.0858 10 DA A "C4'" 
182 O "O4'" . DA A 10 ? 0.7322 0.8774 0.9566 0.0606  0.0099  -0.0662 10 DA A "O4'" 
183 C "C3'" . DA A 10 ? 0.7759 0.9721 1.0677 0.0585  0.0099  -0.1049 10 DA A "C3'" 
184 O "O3'" . DA A 10 ? 0.8602 1.0904 1.1977 0.0528  0.0098  -0.1362 10 DA A "O3'" 
185 C "C2'" . DA A 10 ? 0.7504 0.9562 1.0029 0.0712  -0.0043 -0.0946 10 DA A "C2'" 
186 C "C1'" . DA A 10 ? 0.7099 0.8778 0.9247 0.0714  -0.0023 -0.0697 10 DA A "C1'" 
187 N N9    . DA A 10 ? 0.6464 0.7939 0.8436 0.0790  -0.0020 -0.0536 10 DA A N9    
188 C C8    . DA A 10 ? 0.6300 0.7517 0.8214 0.0755  0.0086  -0.0452 10 DA A C8    
189 N N7    . DA A 10 ? 0.6179 0.7292 0.7997 0.0833  0.0067  -0.0385 10 DA A N7    
190 C C5    . DA A 10 ? 0.6159 0.7423 0.7979 0.0937  -0.0056 -0.0350 10 DA A C5    
191 C C6    . DA A 10 ? 0.6187 0.7430 0.8037 0.1060  -0.0120 -0.0234 10 DA A C6    
192 N N6    . DA A 10 ? 0.6369 0.7389 0.8292 0.1091  -0.0062 -0.0217 10 DA A N6    
193 N N1    . DA A 10 ? 0.6244 0.7763 0.8111 0.1157  -0.0241 -0.0138 10 DA A N1    
194 C C2    . DA A 10 ? 0.6257 0.8103 0.8081 0.1120  -0.0298 -0.0232 10 DA A C2    
195 N N3    . DA A 10 ? 0.6192 0.8066 0.8041 0.0995  -0.0241 -0.0418 10 DA A N3    
196 C C4    . DA A 10 ? 0.6150 0.7688 0.8013 0.0912  -0.0117 -0.0435 10 DA A C4    
197 P P     . DT A 11 ? 0.9012 1.1570 1.2421 0.0489  0.0034  -0.1570 11 DT A P     
198 O OP1   . DT A 11 ? 0.9109 1.1459 1.2952 0.0365  0.0174  -0.1627 11 DT A OP1   
199 O OP2   . DT A 11 ? 0.9008 1.2176 1.2567 0.0534  -0.0082 -0.1882 11 DT A OP2   
# 
